data_1ZEX
# 
_entry.id   1ZEX 
# 
_audit_conform.dict_name       mmcif_pdbx.dic 
_audit_conform.dict_version    5.389 
_audit_conform.dict_location   http://mmcif.pdb.org/dictionaries/ascii/mmcif_pdbx.dic 
# 
loop_
_database_2.database_id 
_database_2.database_code 
_database_2.pdbx_database_accession 
_database_2.pdbx_DOI 
PDB   1ZEX         pdb_00001zex 10.2210/pdb1zex/pdb 
NDB   AD0046       ?            ?                   
RCSB  RCSB032640   ?            ?                   
WWPDB D_1000032640 ?            ?                   
# 
loop_
_pdbx_audit_revision_history.ordinal 
_pdbx_audit_revision_history.data_content_type 
_pdbx_audit_revision_history.major_revision 
_pdbx_audit_revision_history.minor_revision 
_pdbx_audit_revision_history.revision_date 
1 'Structure model' 1 0 2005-05-10 
2 'Structure model' 1 1 2008-04-30 
3 'Structure model' 1 2 2011-07-13 
4 'Structure model' 1 3 2017-10-11 
5 'Structure model' 1 4 2024-02-14 
6 'Structure model' 1 5 2024-04-03 
# 
_pdbx_audit_revision_details.ordinal             1 
_pdbx_audit_revision_details.revision_ordinal    1 
_pdbx_audit_revision_details.data_content_type   'Structure model' 
_pdbx_audit_revision_details.provider            repository 
_pdbx_audit_revision_details.type                'Initial release' 
_pdbx_audit_revision_details.description         ? 
_pdbx_audit_revision_details.details             ? 
# 
loop_
_pdbx_audit_revision_group.ordinal 
_pdbx_audit_revision_group.revision_ordinal 
_pdbx_audit_revision_group.data_content_type 
_pdbx_audit_revision_group.group 
1 2 'Structure model' 'Version format compliance' 
2 3 'Structure model' 'Version format compliance' 
3 4 'Structure model' 'Refinement description'    
4 5 'Structure model' 'Data collection'           
5 5 'Structure model' 'Database references'       
6 6 'Structure model' 'Refinement description'    
# 
loop_
_pdbx_audit_revision_category.ordinal 
_pdbx_audit_revision_category.revision_ordinal 
_pdbx_audit_revision_category.data_content_type 
_pdbx_audit_revision_category.category 
1 4 'Structure model' software                      
2 5 'Structure model' chem_comp_atom                
3 5 'Structure model' chem_comp_bond                
4 5 'Structure model' database_2                    
5 6 'Structure model' pdbx_initial_refinement_model 
# 
loop_
_pdbx_audit_revision_item.ordinal 
_pdbx_audit_revision_item.revision_ordinal 
_pdbx_audit_revision_item.data_content_type 
_pdbx_audit_revision_item.item 
1 5 'Structure model' '_database_2.pdbx_DOI'                
2 5 'Structure model' '_database_2.pdbx_database_accession' 
# 
_pdbx_database_status.entry_id                        1ZEX 
_pdbx_database_status.deposit_site                    RCSB 
_pdbx_database_status.process_site                    RCSB 
_pdbx_database_status.recvd_initial_deposition_date   2005-04-19 
_pdbx_database_status.status_code                     REL 
_pdbx_database_status.status_code_sf                  REL 
_pdbx_database_status.status_code_mr                  ? 
_pdbx_database_status.SG_entry                        ? 
_pdbx_database_status.pdb_format_compatible           Y 
_pdbx_database_status.status_code_cs                  ? 
_pdbx_database_status.methods_development_category    ? 
_pdbx_database_status.status_code_nmr_data            ? 
# 
loop_
_pdbx_database_related.db_name 
_pdbx_database_related.db_id 
_pdbx_database_related.details 
_pdbx_database_related.content_type 
PDB 1P4Y . unspecified 
PDB 1P4Z . unspecified 
PDB 1DCW . unspecified 
PDB 1DCV . unspecified 
PDB 1ZEW . unspecified 
PDB 1ZEY . unspecified 
PDB 1ZEZ . unspecified 
PDB 1ZF0 . unspecified 
PDB 1ZF1 . unspecified 
PDB 1ZF2 . unspecified 
PDB 1ZF3 . unspecified 
PDB 1ZF4 . unspecified 
PDB 1ZF5 . unspecified 
PDB 1ZF6 . unspecified 
PDB 1ZF7 . unspecified 
PDB 1ZF8 . unspecified 
PDB 1ZF9 . unspecified 
PDB 1ZFA . unspecified 
PDB 1ZFB . unspecified 
PDB 1ZFC . unspecified 
PDB 1ZFE . unspecified 
PDB 1ZFF . unspecified 
PDB 1ZFG . unspecified 
PDB 1ZFH . unspecified 
PDB 1ZFM . unspecified 
# 
loop_
_audit_author.name 
_audit_author.pdbx_ordinal 
'Hays, F.A.'      1 
'Teegarden, A.T.' 2 
'Jones, Z.J.R.'   3 
'Harms, M.'       4 
'Raup, D.'        5 
'Watson, J.'      6 
'Cavaliere, E.'   7 
'Ho, P.S.'        8 
# 
_citation.id                        primary 
_citation.title                     'How sequence defines structure: a crystallographic map of DNA structure and conformation.' 
_citation.journal_abbrev            Proc.Natl.Acad.Sci.Usa 
_citation.journal_volume            102 
_citation.page_first                7157 
_citation.page_last                 7162 
_citation.year                      2005 
_citation.journal_id_ASTM           PNASA6 
_citation.country                   US 
_citation.journal_id_ISSN           0027-8424 
_citation.journal_id_CSD            0040 
_citation.book_publisher            ? 
_citation.pdbx_database_id_PubMed   15870206 
_citation.pdbx_database_id_DOI      10.1073/pnas.0409455102 
# 
loop_
_citation_author.citation_id 
_citation_author.name 
_citation_author.ordinal 
_citation_author.identifier_ORCID 
primary 'Hays, F.A.'    1 ? 
primary 'Teegarden, A.' 2 ? 
primary 'Jones, Z.J.'   3 ? 
primary 'Harms, M.'     4 ? 
primary 'Raup, D.'      5 ? 
primary 'Watson, J.'    6 ? 
primary 'Cavaliere, E.' 7 ? 
primary 'Ho, P.S.'      8 ? 
# 
loop_
_entity.id 
_entity.type 
_entity.src_method 
_entity.pdbx_description 
_entity.formula_weight 
_entity.pdbx_number_of_molecules 
_entity.pdbx_ec 
_entity.pdbx_mutation 
_entity.pdbx_fragment 
_entity.details 
1 polymer syn "5'-D(*CP*CP*CP*GP*GP*CP*CP*GP*GP*G)-3'" 3046.980 2  ? ? ? ? 
2 water   nat water                                    18.015   51 ? ? ? ? 
# 
_entity_poly.entity_id                      1 
_entity_poly.type                           polydeoxyribonucleotide 
_entity_poly.nstd_linkage                   no 
_entity_poly.nstd_monomer                   no 
_entity_poly.pdbx_seq_one_letter_code       '(DC)(DC)(DC)(DG)(DG)(DC)(DC)(DG)(DG)(DG)' 
_entity_poly.pdbx_seq_one_letter_code_can   CCCGGCCGGG 
_entity_poly.pdbx_strand_id                 A,B 
_entity_poly.pdbx_target_identifier         ? 
# 
_pdbx_entity_nonpoly.entity_id   2 
_pdbx_entity_nonpoly.name        water 
_pdbx_entity_nonpoly.comp_id     HOH 
# 
loop_
_entity_poly_seq.entity_id 
_entity_poly_seq.num 
_entity_poly_seq.mon_id 
_entity_poly_seq.hetero 
1 1  DC n 
1 2  DC n 
1 3  DC n 
1 4  DG n 
1 5  DG n 
1 6  DC n 
1 7  DC n 
1 8  DG n 
1 9  DG n 
1 10 DG n 
# 
_pdbx_entity_src_syn.entity_id              1 
_pdbx_entity_src_syn.pdbx_src_id            1 
_pdbx_entity_src_syn.pdbx_alt_source_flag   sample 
_pdbx_entity_src_syn.pdbx_beg_seq_num       ? 
_pdbx_entity_src_syn.pdbx_end_seq_num       ? 
_pdbx_entity_src_syn.organism_scientific    ? 
_pdbx_entity_src_syn.organism_common_name   ? 
_pdbx_entity_src_syn.ncbi_taxonomy_id       ? 
_pdbx_entity_src_syn.details                
;DNA WAS SYNTHESIZED ON AN APPLIED BIOSYSTEMS DNA SYNTHESIZER USING PHOSPHORAMIDITE CHEMISTRY, WITH THE TRITYL-PROTECTING GROUP LEFT INTACT AT THE 5'- TERMINAL NUCLEOTIDE THEN DEPROTECTED BY TREATMENT WITH 3% ACETIC ACID FOR FIFTEEN MINUTES, NEUTRALIZED WITH AMMONIUM HYDROXIDE, AND DESALTED ON A SIGMA G-25 SEPHADEX COLUMN.
;
# 
loop_
_chem_comp.id 
_chem_comp.type 
_chem_comp.mon_nstd_flag 
_chem_comp.name 
_chem_comp.pdbx_synonyms 
_chem_comp.formula 
_chem_comp.formula_weight 
DC  'DNA linking' y "2'-DEOXYCYTIDINE-5'-MONOPHOSPHATE"  ? 'C9 H14 N3 O7 P'  307.197 
DG  'DNA linking' y "2'-DEOXYGUANOSINE-5'-MONOPHOSPHATE" ? 'C10 H14 N5 O7 P' 347.221 
HOH non-polymer   . WATER                                ? 'H2 O'            18.015  
# 
loop_
_pdbx_poly_seq_scheme.asym_id 
_pdbx_poly_seq_scheme.entity_id 
_pdbx_poly_seq_scheme.seq_id 
_pdbx_poly_seq_scheme.mon_id 
_pdbx_poly_seq_scheme.ndb_seq_num 
_pdbx_poly_seq_scheme.pdb_seq_num 
_pdbx_poly_seq_scheme.auth_seq_num 
_pdbx_poly_seq_scheme.pdb_mon_id 
_pdbx_poly_seq_scheme.auth_mon_id 
_pdbx_poly_seq_scheme.pdb_strand_id 
_pdbx_poly_seq_scheme.pdb_ins_code 
_pdbx_poly_seq_scheme.hetero 
A 1 1  DC 1  1  1  DC C A . n 
A 1 2  DC 2  2  2  DC C A . n 
A 1 3  DC 3  3  3  DC C A . n 
A 1 4  DG 4  4  4  DG G A . n 
A 1 5  DG 5  5  5  DG G A . n 
A 1 6  DC 6  6  6  DC C A . n 
A 1 7  DC 7  7  7  DC C A . n 
A 1 8  DG 8  8  8  DG G A . n 
A 1 9  DG 9  9  9  DG G A . n 
A 1 10 DG 10 10 10 DG G A . n 
B 1 1  DC 1  11 11 DC C B . n 
B 1 2  DC 2  12 12 DC C B . n 
B 1 3  DC 3  13 13 DC C B . n 
B 1 4  DG 4  14 14 DG G B . n 
B 1 5  DG 5  15 15 DG G B . n 
B 1 6  DC 6  16 16 DC C B . n 
B 1 7  DC 7  17 17 DC C B . n 
B 1 8  DG 8  18 18 DG G B . n 
B 1 9  DG 9  19 19 DG G B . n 
B 1 10 DG 10 20 20 DG G B . n 
# 
loop_
_pdbx_nonpoly_scheme.asym_id 
_pdbx_nonpoly_scheme.entity_id 
_pdbx_nonpoly_scheme.mon_id 
_pdbx_nonpoly_scheme.ndb_seq_num 
_pdbx_nonpoly_scheme.pdb_seq_num 
_pdbx_nonpoly_scheme.auth_seq_num 
_pdbx_nonpoly_scheme.pdb_mon_id 
_pdbx_nonpoly_scheme.auth_mon_id 
_pdbx_nonpoly_scheme.pdb_strand_id 
_pdbx_nonpoly_scheme.pdb_ins_code 
C 2 HOH 1  21 21 HOH HOH A . 
C 2 HOH 2  22 22 HOH HOH A . 
C 2 HOH 3  23 23 HOH HOH A . 
C 2 HOH 4  25 25 HOH HOH A . 
C 2 HOH 5  26 26 HOH HOH A . 
C 2 HOH 6  29 29 HOH HOH A . 
C 2 HOH 7  31 31 HOH HOH A . 
C 2 HOH 8  36 36 HOH HOH A . 
C 2 HOH 9  37 37 HOH HOH A . 
C 2 HOH 10 40 40 HOH HOH A . 
C 2 HOH 11 44 44 HOH HOH A . 
C 2 HOH 12 46 46 HOH HOH A . 
C 2 HOH 13 49 49 HOH HOH A . 
C 2 HOH 14 51 51 HOH HOH A . 
C 2 HOH 15 52 52 HOH HOH A . 
C 2 HOH 16 54 54 HOH HOH A . 
C 2 HOH 17 58 58 HOH HOH A . 
C 2 HOH 18 59 59 HOH HOH A . 
C 2 HOH 19 60 60 HOH HOH A . 
C 2 HOH 20 61 61 HOH HOH A . 
C 2 HOH 21 63 63 HOH HOH A . 
C 2 HOH 22 65 65 HOH HOH A . 
C 2 HOH 23 66 66 HOH HOH A . 
C 2 HOH 24 68 68 HOH HOH A . 
C 2 HOH 25 69 69 HOH HOH A . 
C 2 HOH 26 70 70 HOH HOH A . 
C 2 HOH 27 71 71 HOH HOH A . 
D 2 HOH 1  24 24 HOH HOH B . 
D 2 HOH 2  27 27 HOH HOH B . 
D 2 HOH 3  28 28 HOH HOH B . 
D 2 HOH 4  30 30 HOH HOH B . 
D 2 HOH 5  32 32 HOH HOH B . 
D 2 HOH 6  33 33 HOH HOH B . 
D 2 HOH 7  34 34 HOH HOH B . 
D 2 HOH 8  35 35 HOH HOH B . 
D 2 HOH 9  38 38 HOH HOH B . 
D 2 HOH 10 39 39 HOH HOH B . 
D 2 HOH 11 41 41 HOH HOH B . 
D 2 HOH 12 42 42 HOH HOH B . 
D 2 HOH 13 43 43 HOH HOH B . 
D 2 HOH 14 45 45 HOH HOH B . 
D 2 HOH 15 47 47 HOH HOH B . 
D 2 HOH 16 48 48 HOH HOH B . 
D 2 HOH 17 50 50 HOH HOH B . 
D 2 HOH 18 53 53 HOH HOH B . 
D 2 HOH 19 55 55 HOH HOH B . 
D 2 HOH 20 56 56 HOH HOH B . 
D 2 HOH 21 57 57 HOH HOH B . 
D 2 HOH 22 62 62 HOH HOH B . 
D 2 HOH 23 64 64 HOH HOH B . 
D 2 HOH 24 67 67 HOH HOH B . 
# 
loop_
_software.name 
_software.version 
_software.date 
_software.type 
_software.contact_author 
_software.contact_author_email 
_software.classification 
_software.location 
_software.language 
_software.citation_id 
_software.pdbx_ordinal 
DENZO     .        ? package 'Zbyszek Otwinowski' zbyszek@mix.swmed.edu 'data reduction' 
http://www.lnls.br/infra/linhasluz/denzo-hkl.htm ?       ? 1 
SCALEPACK .        ? package 'Zbyszek Otwinowski' zbyszek@mix.swmed.edu 'data scaling'   
http://www.lnls.br/infra/linhasluz/denzo-hkl.htm ?       ? 2 
REFMAC    5.2.0003 ? program 'Murshudov, G.N.'    ccp4@dl.ac.uk         refinement       http://www.ccp4.ac.uk/main.html Fortran ? 
3 
EPMR      .        ? ?       ?                    ?                     phasing          ? ?       ? 4 
# 
_cell.length_a           23.956 
_cell.length_b           45.133 
_cell.length_c           44.933 
_cell.angle_alpha        90.00 
_cell.angle_beta         90.00 
_cell.angle_gamma        90.00 
_cell.entry_id           1ZEX 
_cell.pdbx_unique_axis   ? 
_cell.Z_PDB              8 
# 
_symmetry.space_group_name_H-M             'P 21 21 21' 
_symmetry.Int_Tables_number                19 
_symmetry.entry_id                         1ZEX 
_symmetry.pdbx_full_space_group_name_H-M   ? 
_symmetry.cell_setting                     ? 
_symmetry.space_group_name_Hall            ? 
# 
_exptl.entry_id          1ZEX 
_exptl.method            'X-RAY DIFFRACTION' 
_exptl.crystals_number   1 
# 
_exptl_crystal.id                    1 
_exptl_crystal.density_meas          ? 
_exptl_crystal.density_Matthews      1.9 
_exptl_crystal.density_percent_sol   33.8 
_exptl_crystal.description           ? 
_exptl_crystal.F_000                 ? 
_exptl_crystal.preparation           ? 
# 
_exptl_crystal_grow.crystal_id      1 
_exptl_crystal_grow.method          ? 
_exptl_crystal_grow.temp            298 
_exptl_crystal_grow.temp_details    ? 
_exptl_crystal_grow.pH              7.00 
_exptl_crystal_grow.pdbx_details    
'Na Cacodylate, CaCl2, Spermine, MPD in resevoir, pH 7.0, VAPOR DIFFUSION, SITTING DROP, temperature 298K, pH 7.00' 
_exptl_crystal_grow.pdbx_pH_range   . 
# 
loop_
_exptl_crystal_grow_comp.crystal_id 
_exptl_crystal_grow_comp.id 
_exptl_crystal_grow_comp.sol_id 
_exptl_crystal_grow_comp.name 
_exptl_crystal_grow_comp.conc 
_exptl_crystal_grow_comp.volume 
_exptl_crystal_grow_comp.details 
1 1 1 'Na Cacodylate' ? ? ? 
1 2 1 CaCl2           ? ? ? 
1 3 1 Spermine        ? ? ? 
1 4 1 MPD             ? ? ? 
1 5 1 H2O             ? ? ? 
1 6 2 'Na Cacodylate' ? ? ? 
1 7 2 CaCl2           ? ? ? 
1 8 2 MPD             ? ? ? 
1 9 2 H2O             ? ? ? 
# 
_diffrn.id                     1 
_diffrn.ambient_temp           103.0 
_diffrn.ambient_temp_details   ? 
_diffrn.crystal_id             1 
# 
_diffrn_detector.diffrn_id              1 
_diffrn_detector.detector               'IMAGE PLATE' 
_diffrn_detector.type                   'RIGAKU RAXIS IV' 
_diffrn_detector.pdbx_collection_date   2003-10-21 
_diffrn_detector.details                ? 
# 
_diffrn_radiation.diffrn_id                        1 
_diffrn_radiation.wavelength_id                    1 
_diffrn_radiation.pdbx_monochromatic_or_laue_m_l   M 
_diffrn_radiation.monochromator                    ? 
_diffrn_radiation.pdbx_diffrn_protocol             'SINGLE WAVELENGTH' 
_diffrn_radiation.pdbx_scattering_type             x-ray 
# 
_diffrn_radiation_wavelength.id           1 
_diffrn_radiation_wavelength.wavelength   1.542 
_diffrn_radiation_wavelength.wt           1.0 
# 
_diffrn_source.diffrn_id                   1 
_diffrn_source.source                      'ROTATING ANODE' 
_diffrn_source.type                        'RIGAKU RUH3R' 
_diffrn_source.pdbx_synchrotron_site       ? 
_diffrn_source.pdbx_synchrotron_beamline   ? 
_diffrn_source.pdbx_wavelength             1.542 
_diffrn_source.pdbx_wavelength_list        ? 
# 
_reflns.entry_id                     1ZEX 
_reflns.observed_criterion_sigma_I   2.000 
_reflns.observed_criterion_sigma_F   ? 
_reflns.d_resolution_low             99.000 
_reflns.d_resolution_high            1.650 
_reflns.number_obs                   5906 
_reflns.number_all                   ? 
_reflns.percent_possible_obs         93.8 
_reflns.pdbx_Rmerge_I_obs            0.049 
_reflns.pdbx_Rsym_value              ? 
_reflns.pdbx_netI_over_sigmaI        16.0000 
_reflns.B_iso_Wilson_estimate        ? 
_reflns.pdbx_redundancy              ? 
_reflns.R_free_details               ? 
_reflns.pdbx_chi_squared             ? 
_reflns.pdbx_scaling_rejects         ? 
_reflns.pdbx_diffrn_id               1 
_reflns.pdbx_ordinal                 1 
# 
_reflns_shell.d_res_high             1.65 
_reflns_shell.d_res_low              1.71 
_reflns_shell.percent_possible_all   76.8 
_reflns_shell.Rmerge_I_obs           0.15 
_reflns_shell.pdbx_Rsym_value        ? 
_reflns_shell.meanI_over_sigI_obs    4.720 
_reflns_shell.pdbx_redundancy        ? 
_reflns_shell.percent_possible_obs   ? 
_reflns_shell.number_unique_all      ? 
_reflns_shell.number_measured_all    ? 
_reflns_shell.number_measured_obs    ? 
_reflns_shell.number_unique_obs      ? 
_reflns_shell.pdbx_chi_squared       ? 
_reflns_shell.pdbx_diffrn_id         ? 
_reflns_shell.pdbx_ordinal           1 
# 
_refine.entry_id                                 1ZEX 
_refine.ls_number_reflns_obs                     5137 
_refine.ls_number_reflns_all                     ? 
_refine.pdbx_ls_sigma_I                          ? 
_refine.pdbx_ls_sigma_F                          2.000 
_refine.pdbx_data_cutoff_high_absF               ? 
_refine.pdbx_data_cutoff_low_absF                ? 
_refine.pdbx_data_cutoff_high_rms_absF           ? 
_refine.ls_d_res_low                             16.39 
_refine.ls_d_res_high                            1.65 
_refine.ls_percent_reflns_obs                    100.0 
_refine.ls_R_factor_obs                          0.248 
_refine.ls_R_factor_all                          ? 
_refine.ls_R_factor_R_work                       0.24 
_refine.ls_R_factor_R_free                       0.25 
_refine.ls_R_factor_R_free_error                 ? 
_refine.ls_R_factor_R_free_error_details         ? 
_refine.ls_percent_reflns_R_free                 10.800 
_refine.ls_number_reflns_R_free                  622 
_refine.ls_number_parameters                     ? 
_refine.ls_number_restraints                     ? 
_refine.occupancy_min                            ? 
_refine.occupancy_max                            ? 
_refine.correlation_coeff_Fo_to_Fc               0.845 
_refine.correlation_coeff_Fo_to_Fc_free          0.833 
_refine.B_iso_mean                               7.18 
_refine.aniso_B[1][1]                            0.37000 
_refine.aniso_B[2][2]                            0.00000 
_refine.aniso_B[3][3]                            -0.37000 
_refine.aniso_B[1][2]                            0.00000 
_refine.aniso_B[1][3]                            0.00000 
_refine.aniso_B[2][3]                            0.00000 
_refine.solvent_model_details                    MASK 
_refine.solvent_model_param_ksol                 ? 
_refine.solvent_model_param_bsol                 ? 
_refine.pdbx_solvent_vdw_probe_radii             1.20 
_refine.pdbx_solvent_ion_probe_radii             0.80 
_refine.pdbx_solvent_shrinkage_radii             0.80 
_refine.pdbx_ls_cross_valid_method               THROUGHOUT 
_refine.details                                  
'THIS STRUCTURE IS NOT REFINED TO ITS LOWEST R AND RFREE VALUES. PLEASE REFER TO CITED ARTICLE ABOVE FOR MORE INFORMATION.' 
_refine.pdbx_starting_model                      'ndb entry ADJ049' 
_refine.pdbx_method_to_determine_struct          'MOLECULAR REPLACEMENT' 
_refine.pdbx_isotropic_thermal_model             ? 
_refine.pdbx_stereochemistry_target_values       'MAXIMUM LIKELIHOOD' 
_refine.pdbx_stereochem_target_val_spec_case     ? 
_refine.pdbx_R_Free_selection_details            RANDOM 
_refine.pdbx_overall_ESU_R                       0.164 
_refine.pdbx_overall_ESU_R_Free                  0.132 
_refine.overall_SU_ML                            0.093 
_refine.overall_SU_B                             2.716 
_refine.ls_redundancy_reflns_obs                 ? 
_refine.overall_SU_R_Cruickshank_DPI             ? 
_refine.overall_SU_R_free                        ? 
_refine.ls_wR_factor_R_free                      ? 
_refine.ls_wR_factor_R_work                      ? 
_refine.overall_FOM_free_R_set                   ? 
_refine.overall_FOM_work_R_set                   ? 
_refine.pdbx_refine_id                           'X-RAY DIFFRACTION' 
_refine.pdbx_diffrn_id                           1 
_refine.pdbx_TLS_residual_ADP_flag               ? 
_refine.pdbx_overall_phase_error                 ? 
_refine.pdbx_overall_SU_R_free_Cruickshank_DPI   ? 
_refine.pdbx_overall_SU_R_Blow_DPI               ? 
_refine.pdbx_overall_SU_R_free_Blow_DPI          ? 
# 
_refine_hist.pdbx_refine_id                   'X-RAY DIFFRACTION' 
_refine_hist.cycle_id                         LAST 
_refine_hist.pdbx_number_atoms_protein        0 
_refine_hist.pdbx_number_atoms_nucleic_acid   404 
_refine_hist.pdbx_number_atoms_ligand         0 
_refine_hist.number_atoms_solvent             51 
_refine_hist.number_atoms_total               455 
_refine_hist.d_res_high                       1.65 
_refine_hist.d_res_low                        16.39 
# 
loop_
_refine_ls_restr.type 
_refine_ls_restr.dev_ideal 
_refine_ls_restr.dev_ideal_target 
_refine_ls_restr.weight 
_refine_ls_restr.number 
_refine_ls_restr.pdbx_refine_id 
_refine_ls_restr.pdbx_restraint_function 
r_bond_refined_d             0.006 0.021 ? 452 'X-RAY DIFFRACTION' ? 
r_bond_other_d               ?     ?     ? ?   'X-RAY DIFFRACTION' ? 
r_angle_refined_deg          1.292 3.000 ? 694 'X-RAY DIFFRACTION' ? 
r_angle_other_deg            ?     ?     ? ?   'X-RAY DIFFRACTION' ? 
r_dihedral_angle_1_deg       ?     ?     ? ?   'X-RAY DIFFRACTION' ? 
r_dihedral_angle_2_deg       ?     ?     ? ?   'X-RAY DIFFRACTION' ? 
r_dihedral_angle_3_deg       ?     ?     ? ?   'X-RAY DIFFRACTION' ? 
r_dihedral_angle_4_deg       ?     ?     ? ?   'X-RAY DIFFRACTION' ? 
r_chiral_restr               0.055 0.200 ? 78  'X-RAY DIFFRACTION' ? 
r_gen_planes_refined         0.003 0.020 ? 210 'X-RAY DIFFRACTION' ? 
r_gen_planes_other           ?     ?     ? ?   'X-RAY DIFFRACTION' ? 
r_nbd_refined                0.188 0.200 ? 193 'X-RAY DIFFRACTION' ? 
r_nbd_other                  ?     ?     ? ?   'X-RAY DIFFRACTION' ? 
r_nbtor_refined              0.268 0.200 ? 256 'X-RAY DIFFRACTION' ? 
r_nbtor_other                ?     ?     ? ?   'X-RAY DIFFRACTION' ? 
r_xyhbond_nbd_refined        0.231 0.200 ? 37  'X-RAY DIFFRACTION' ? 
r_xyhbond_nbd_other          ?     ?     ? ?   'X-RAY DIFFRACTION' ? 
r_metal_ion_refined          ?     ?     ? ?   'X-RAY DIFFRACTION' ? 
r_metal_ion_other            ?     ?     ? ?   'X-RAY DIFFRACTION' ? 
r_symmetry_vdw_refined       0.242 0.200 ? 35  'X-RAY DIFFRACTION' ? 
r_symmetry_vdw_other         ?     ?     ? ?   'X-RAY DIFFRACTION' ? 
r_symmetry_hbond_refined     0.192 0.200 ? 7   'X-RAY DIFFRACTION' ? 
r_symmetry_hbond_other       ?     ?     ? ?   'X-RAY DIFFRACTION' ? 
r_symmetry_metal_ion_refined ?     ?     ? ?   'X-RAY DIFFRACTION' ? 
r_symmetry_metal_ion_other   ?     ?     ? ?   'X-RAY DIFFRACTION' ? 
r_mcbond_it                  ?     ?     ? ?   'X-RAY DIFFRACTION' ? 
r_mcbond_other               ?     ?     ? ?   'X-RAY DIFFRACTION' ? 
r_mcangle_it                 ?     ?     ? ?   'X-RAY DIFFRACTION' ? 
r_scbond_it                  0.713 3.000 ? 672 'X-RAY DIFFRACTION' ? 
r_scangle_it                 1.104 4.500 ? 694 'X-RAY DIFFRACTION' ? 
r_rigid_bond_restr           ?     ?     ? ?   'X-RAY DIFFRACTION' ? 
r_sphericity_free            ?     ?     ? ?   'X-RAY DIFFRACTION' ? 
r_sphericity_bonded          ?     ?     ? ?   'X-RAY DIFFRACTION' ? 
# 
_refine_ls_shell.pdbx_total_number_of_bins_used   20 
_refine_ls_shell.d_res_high                       1.65 
_refine_ls_shell.d_res_low                        1.69 
_refine_ls_shell.number_reflns_R_work             288 
_refine_ls_shell.R_factor_R_work                  0.268 
_refine_ls_shell.percent_reflns_obs               100.00 
_refine_ls_shell.R_factor_R_free                  0.35 
_refine_ls_shell.R_factor_R_free_error            ? 
_refine_ls_shell.percent_reflns_R_free            ? 
_refine_ls_shell.number_reflns_R_free             34 
_refine_ls_shell.redundancy_reflns_obs            ? 
_refine_ls_shell.pdbx_refine_id                   'X-RAY DIFFRACTION' 
_refine_ls_shell.number_reflns_all                ? 
_refine_ls_shell.R_factor_all                     ? 
# 
_struct.entry_id                  1ZEX 
_struct.title                     'CCG A-DNA' 
_struct.pdbx_model_details        ? 
_struct.pdbx_CASP_flag            ? 
_struct.pdbx_model_type_details   ? 
# 
_struct_keywords.text            'Crystallographic Screen, DNA Structure, Holliday Junction, Molecular Structure, DNA' 
_struct_keywords.entry_id        1ZEX 
_struct_keywords.pdbx_keywords   DNA 
# 
loop_
_struct_asym.id 
_struct_asym.pdbx_blank_PDB_chainid_flag 
_struct_asym.pdbx_modified 
_struct_asym.entity_id 
_struct_asym.details 
A N N 1 ? 
B N N 1 ? 
C N N 2 ? 
D N N 2 ? 
# 
_struct_ref.id                         1 
_struct_ref.entity_id                  1 
_struct_ref.db_name                    PDB 
_struct_ref.db_code                    1ZEX 
_struct_ref.pdbx_db_accession          1ZEX 
_struct_ref.pdbx_db_isoform            ? 
_struct_ref.pdbx_seq_one_letter_code   ? 
_struct_ref.pdbx_align_begin           ? 
# 
loop_
_struct_ref_seq.align_id 
_struct_ref_seq.ref_id 
_struct_ref_seq.pdbx_PDB_id_code 
_struct_ref_seq.pdbx_strand_id 
_struct_ref_seq.seq_align_beg 
_struct_ref_seq.pdbx_seq_align_beg_ins_code 
_struct_ref_seq.seq_align_end 
_struct_ref_seq.pdbx_seq_align_end_ins_code 
_struct_ref_seq.pdbx_db_accession 
_struct_ref_seq.db_align_beg 
_struct_ref_seq.pdbx_db_align_beg_ins_code 
_struct_ref_seq.db_align_end 
_struct_ref_seq.pdbx_db_align_end_ins_code 
_struct_ref_seq.pdbx_auth_seq_align_beg 
_struct_ref_seq.pdbx_auth_seq_align_end 
1 1 1ZEX A 1 ? 10 ? 1ZEX 1  ? 10 ? 1  10 
2 1 1ZEX B 1 ? 10 ? 1ZEX 11 ? 20 ? 11 20 
# 
_pdbx_struct_assembly.id                   1 
_pdbx_struct_assembly.details              author_defined_assembly 
_pdbx_struct_assembly.method_details       ? 
_pdbx_struct_assembly.oligomeric_details   dimeric 
_pdbx_struct_assembly.oligomeric_count     2 
# 
_pdbx_struct_assembly_gen.assembly_id       1 
_pdbx_struct_assembly_gen.oper_expression   1 
_pdbx_struct_assembly_gen.asym_id_list      A,B,C,D 
# 
_pdbx_struct_oper_list.id                   1 
_pdbx_struct_oper_list.type                 'identity operation' 
_pdbx_struct_oper_list.name                 1_555 
_pdbx_struct_oper_list.symmetry_operation   x,y,z 
_pdbx_struct_oper_list.matrix[1][1]         1.0000000000 
_pdbx_struct_oper_list.matrix[1][2]         0.0000000000 
_pdbx_struct_oper_list.matrix[1][3]         0.0000000000 
_pdbx_struct_oper_list.vector[1]            0.0000000000 
_pdbx_struct_oper_list.matrix[2][1]         0.0000000000 
_pdbx_struct_oper_list.matrix[2][2]         1.0000000000 
_pdbx_struct_oper_list.matrix[2][3]         0.0000000000 
_pdbx_struct_oper_list.vector[2]            0.0000000000 
_pdbx_struct_oper_list.matrix[3][1]         0.0000000000 
_pdbx_struct_oper_list.matrix[3][2]         0.0000000000 
_pdbx_struct_oper_list.matrix[3][3]         1.0000000000 
_pdbx_struct_oper_list.vector[3]            0.0000000000 
# 
_struct_biol.id                    1 
_struct_biol.pdbx_parent_biol_id   ? 
_struct_biol.details               ? 
# 
loop_
_struct_conn.id 
_struct_conn.conn_type_id 
_struct_conn.pdbx_leaving_atom_flag 
_struct_conn.pdbx_PDB_id 
_struct_conn.ptnr1_label_asym_id 
_struct_conn.ptnr1_label_comp_id 
_struct_conn.ptnr1_label_seq_id 
_struct_conn.ptnr1_label_atom_id 
_struct_conn.pdbx_ptnr1_label_alt_id 
_struct_conn.pdbx_ptnr1_PDB_ins_code 
_struct_conn.pdbx_ptnr1_standard_comp_id 
_struct_conn.ptnr1_symmetry 
_struct_conn.ptnr2_label_asym_id 
_struct_conn.ptnr2_label_comp_id 
_struct_conn.ptnr2_label_seq_id 
_struct_conn.ptnr2_label_atom_id 
_struct_conn.pdbx_ptnr2_label_alt_id 
_struct_conn.pdbx_ptnr2_PDB_ins_code 
_struct_conn.ptnr1_auth_asym_id 
_struct_conn.ptnr1_auth_comp_id 
_struct_conn.ptnr1_auth_seq_id 
_struct_conn.ptnr2_auth_asym_id 
_struct_conn.ptnr2_auth_comp_id 
_struct_conn.ptnr2_auth_seq_id 
_struct_conn.ptnr2_symmetry 
_struct_conn.pdbx_ptnr3_label_atom_id 
_struct_conn.pdbx_ptnr3_label_seq_id 
_struct_conn.pdbx_ptnr3_label_comp_id 
_struct_conn.pdbx_ptnr3_label_asym_id 
_struct_conn.pdbx_ptnr3_label_alt_id 
_struct_conn.pdbx_ptnr3_PDB_ins_code 
_struct_conn.details 
_struct_conn.pdbx_dist_value 
_struct_conn.pdbx_value_order 
_struct_conn.pdbx_role 
hydrog1  hydrog ? ? A DC 1  N3 ? ? ? 1_555 B DG 10 N1 ? ? A DC 1  B DG 20 1_555 ? ? ? ? ? ? WATSON-CRICK ? ? ? 
hydrog2  hydrog ? ? A DC 1  N4 ? ? ? 1_555 B DG 10 O6 ? ? A DC 1  B DG 20 1_555 ? ? ? ? ? ? WATSON-CRICK ? ? ? 
hydrog3  hydrog ? ? A DC 1  O2 ? ? ? 1_555 B DG 10 N2 ? ? A DC 1  B DG 20 1_555 ? ? ? ? ? ? WATSON-CRICK ? ? ? 
hydrog4  hydrog ? ? A DC 2  N3 ? ? ? 1_555 B DG 9  N1 ? ? A DC 2  B DG 19 1_555 ? ? ? ? ? ? WATSON-CRICK ? ? ? 
hydrog5  hydrog ? ? A DC 2  N4 ? ? ? 1_555 B DG 9  O6 ? ? A DC 2  B DG 19 1_555 ? ? ? ? ? ? WATSON-CRICK ? ? ? 
hydrog6  hydrog ? ? A DC 2  O2 ? ? ? 1_555 B DG 9  N2 ? ? A DC 2  B DG 19 1_555 ? ? ? ? ? ? WATSON-CRICK ? ? ? 
hydrog7  hydrog ? ? A DC 3  N3 ? ? ? 1_555 B DG 8  N1 ? ? A DC 3  B DG 18 1_555 ? ? ? ? ? ? WATSON-CRICK ? ? ? 
hydrog8  hydrog ? ? A DC 3  N4 ? ? ? 1_555 B DG 8  O6 ? ? A DC 3  B DG 18 1_555 ? ? ? ? ? ? WATSON-CRICK ? ? ? 
hydrog9  hydrog ? ? A DC 3  O2 ? ? ? 1_555 B DG 8  N2 ? ? A DC 3  B DG 18 1_555 ? ? ? ? ? ? WATSON-CRICK ? ? ? 
hydrog10 hydrog ? ? A DG 4  N1 ? ? ? 1_555 B DC 7  N3 ? ? A DG 4  B DC 17 1_555 ? ? ? ? ? ? WATSON-CRICK ? ? ? 
hydrog11 hydrog ? ? A DG 4  N2 ? ? ? 1_555 B DC 7  O2 ? ? A DG 4  B DC 17 1_555 ? ? ? ? ? ? WATSON-CRICK ? ? ? 
hydrog12 hydrog ? ? A DG 4  O6 ? ? ? 1_555 B DC 7  N4 ? ? A DG 4  B DC 17 1_555 ? ? ? ? ? ? WATSON-CRICK ? ? ? 
hydrog13 hydrog ? ? A DG 5  N1 ? ? ? 1_555 B DC 6  N3 ? ? A DG 5  B DC 16 1_555 ? ? ? ? ? ? WATSON-CRICK ? ? ? 
hydrog14 hydrog ? ? A DG 5  N2 ? ? ? 1_555 B DC 6  O2 ? ? A DG 5  B DC 16 1_555 ? ? ? ? ? ? WATSON-CRICK ? ? ? 
hydrog15 hydrog ? ? A DG 5  O6 ? ? ? 1_555 B DC 6  N4 ? ? A DG 5  B DC 16 1_555 ? ? ? ? ? ? WATSON-CRICK ? ? ? 
hydrog16 hydrog ? ? A DC 6  N3 ? ? ? 1_555 B DG 5  N1 ? ? A DC 6  B DG 15 1_555 ? ? ? ? ? ? WATSON-CRICK ? ? ? 
hydrog17 hydrog ? ? A DC 6  N4 ? ? ? 1_555 B DG 5  O6 ? ? A DC 6  B DG 15 1_555 ? ? ? ? ? ? WATSON-CRICK ? ? ? 
hydrog18 hydrog ? ? A DC 6  O2 ? ? ? 1_555 B DG 5  N2 ? ? A DC 6  B DG 15 1_555 ? ? ? ? ? ? WATSON-CRICK ? ? ? 
hydrog19 hydrog ? ? A DC 7  N3 ? ? ? 1_555 B DG 4  N1 ? ? A DC 7  B DG 14 1_555 ? ? ? ? ? ? WATSON-CRICK ? ? ? 
hydrog20 hydrog ? ? A DC 7  N4 ? ? ? 1_555 B DG 4  O6 ? ? A DC 7  B DG 14 1_555 ? ? ? ? ? ? WATSON-CRICK ? ? ? 
hydrog21 hydrog ? ? A DC 7  O2 ? ? ? 1_555 B DG 4  N2 ? ? A DC 7  B DG 14 1_555 ? ? ? ? ? ? WATSON-CRICK ? ? ? 
hydrog22 hydrog ? ? A DG 8  N1 ? ? ? 1_555 B DC 3  N3 ? ? A DG 8  B DC 13 1_555 ? ? ? ? ? ? WATSON-CRICK ? ? ? 
hydrog23 hydrog ? ? A DG 8  N2 ? ? ? 1_555 B DC 3  O2 ? ? A DG 8  B DC 13 1_555 ? ? ? ? ? ? WATSON-CRICK ? ? ? 
hydrog24 hydrog ? ? A DG 8  O6 ? ? ? 1_555 B DC 3  N4 ? ? A DG 8  B DC 13 1_555 ? ? ? ? ? ? WATSON-CRICK ? ? ? 
hydrog25 hydrog ? ? A DG 9  N1 ? ? ? 1_555 B DC 2  N3 ? ? A DG 9  B DC 12 1_555 ? ? ? ? ? ? WATSON-CRICK ? ? ? 
hydrog26 hydrog ? ? A DG 9  N2 ? ? ? 1_555 B DC 2  O2 ? ? A DG 9  B DC 12 1_555 ? ? ? ? ? ? WATSON-CRICK ? ? ? 
hydrog27 hydrog ? ? A DG 9  O6 ? ? ? 1_555 B DC 2  N4 ? ? A DG 9  B DC 12 1_555 ? ? ? ? ? ? WATSON-CRICK ? ? ? 
hydrog28 hydrog ? ? A DG 10 N1 ? ? ? 1_555 B DC 1  N3 ? ? A DG 10 B DC 11 1_555 ? ? ? ? ? ? WATSON-CRICK ? ? ? 
hydrog29 hydrog ? ? A DG 10 N2 ? ? ? 1_555 B DC 1  O2 ? ? A DG 10 B DC 11 1_555 ? ? ? ? ? ? WATSON-CRICK ? ? ? 
hydrog30 hydrog ? ? A DG 10 O6 ? ? ? 1_555 B DC 1  N4 ? ? A DG 10 B DC 11 1_555 ? ? ? ? ? ? WATSON-CRICK ? ? ? 
# 
_struct_conn_type.id          hydrog 
_struct_conn_type.criteria    ? 
_struct_conn_type.reference   ? 
# 
loop_
_pdbx_validate_close_contact.id 
_pdbx_validate_close_contact.PDB_model_num 
_pdbx_validate_close_contact.auth_atom_id_1 
_pdbx_validate_close_contact.auth_asym_id_1 
_pdbx_validate_close_contact.auth_comp_id_1 
_pdbx_validate_close_contact.auth_seq_id_1 
_pdbx_validate_close_contact.PDB_ins_code_1 
_pdbx_validate_close_contact.label_alt_id_1 
_pdbx_validate_close_contact.auth_atom_id_2 
_pdbx_validate_close_contact.auth_asym_id_2 
_pdbx_validate_close_contact.auth_comp_id_2 
_pdbx_validate_close_contact.auth_seq_id_2 
_pdbx_validate_close_contact.PDB_ins_code_2 
_pdbx_validate_close_contact.label_alt_id_2 
_pdbx_validate_close_contact.dist 
1 1 O  B HOH 28 ? ? O B HOH 57 ? ? 1.95 
2 1 N2 B DG  18 ? ? O B HOH 47 ? ? 1.99 
# 
loop_
_pdbx_validate_rmsd_angle.id 
_pdbx_validate_rmsd_angle.PDB_model_num 
_pdbx_validate_rmsd_angle.auth_atom_id_1 
_pdbx_validate_rmsd_angle.auth_asym_id_1 
_pdbx_validate_rmsd_angle.auth_comp_id_1 
_pdbx_validate_rmsd_angle.auth_seq_id_1 
_pdbx_validate_rmsd_angle.PDB_ins_code_1 
_pdbx_validate_rmsd_angle.label_alt_id_1 
_pdbx_validate_rmsd_angle.auth_atom_id_2 
_pdbx_validate_rmsd_angle.auth_asym_id_2 
_pdbx_validate_rmsd_angle.auth_comp_id_2 
_pdbx_validate_rmsd_angle.auth_seq_id_2 
_pdbx_validate_rmsd_angle.PDB_ins_code_2 
_pdbx_validate_rmsd_angle.label_alt_id_2 
_pdbx_validate_rmsd_angle.auth_atom_id_3 
_pdbx_validate_rmsd_angle.auth_asym_id_3 
_pdbx_validate_rmsd_angle.auth_comp_id_3 
_pdbx_validate_rmsd_angle.auth_seq_id_3 
_pdbx_validate_rmsd_angle.PDB_ins_code_3 
_pdbx_validate_rmsd_angle.label_alt_id_3 
_pdbx_validate_rmsd_angle.angle_value 
_pdbx_validate_rmsd_angle.angle_target_value 
_pdbx_validate_rmsd_angle.angle_deviation 
_pdbx_validate_rmsd_angle.angle_standard_deviation 
_pdbx_validate_rmsd_angle.linker_flag 
1  1 "O4'" A DC 1  ? ? "C1'" A DC 1  ? ? N1    A DC 1  ? ? 112.53 108.30 4.23  0.30 N 
2  1 "O4'" A DC 2  ? ? "C1'" A DC 2  ? ? N1    A DC 2  ? ? 111.80 108.30 3.50  0.30 N 
3  1 "O4'" A DC 3  ? ? "C1'" A DC 3  ? ? N1    A DC 3  ? ? 112.95 108.30 4.65  0.30 N 
4  1 "O4'" A DC 6  ? ? "C1'" A DC 6  ? ? N1    A DC 6  ? ? 110.24 108.30 1.94  0.30 N 
5  1 "O4'" A DC 7  ? ? "C1'" A DC 7  ? ? N1    A DC 7  ? ? 113.12 108.30 4.82  0.30 N 
6  1 "C4'" A DG 8  ? ? "C3'" A DG 8  ? ? "C2'" A DG 8  ? ? 97.86  102.20 -4.34 0.70 N 
7  1 "O4'" A DG 8  ? ? "C1'" A DG 8  ? ? N9    A DG 8  ? ? 111.66 108.30 3.36  0.30 N 
8  1 "C4'" A DG 9  ? ? "C3'" A DG 9  ? ? "C2'" A DG 9  ? ? 97.21  102.20 -4.99 0.70 N 
9  1 "O4'" A DG 9  ? ? "C1'" A DG 9  ? ? N9    A DG 9  ? ? 111.48 108.30 3.18  0.30 N 
10 1 "O4'" A DG 10 ? ? "C1'" A DG 10 ? ? N9    A DG 10 ? ? 111.31 108.30 3.01  0.30 N 
11 1 "O4'" B DC 11 ? ? "C1'" B DC 11 ? ? N1    B DC 11 ? ? 111.18 108.30 2.88  0.30 N 
12 1 "O4'" B DG 14 ? ? "C1'" B DG 14 ? ? N9    B DG 14 ? ? 110.24 108.30 1.94  0.30 N 
13 1 "O4'" B DC 16 ? ? "C4'" B DC 16 ? ? "C3'" B DC 16 ? ? 101.81 104.50 -2.69 0.40 N 
14 1 "O4'" B DC 16 ? ? "C1'" B DC 16 ? ? N1    B DC 16 ? ? 110.50 108.30 2.20  0.30 N 
15 1 "O4'" B DC 17 ? ? "C1'" B DC 17 ? ? N1    B DC 17 ? ? 110.70 108.30 2.40  0.30 N 
16 1 "O4'" B DG 18 ? ? "C4'" B DG 18 ? ? "C3'" B DG 18 ? ? 101.91 104.50 -2.59 0.40 N 
17 1 "O4'" B DG 18 ? ? "C1'" B DG 18 ? ? N9    B DG 18 ? ? 111.07 108.30 2.77  0.30 N 
18 1 "C4'" B DG 19 ? ? "C3'" B DG 19 ? ? "C2'" B DG 19 ? ? 97.94  102.20 -4.26 0.70 N 
19 1 "O4'" B DG 19 ? ? "C1'" B DG 19 ? ? N9    B DG 19 ? ? 111.64 108.30 3.34  0.30 N 
# 
loop_
_chem_comp_atom.comp_id 
_chem_comp_atom.atom_id 
_chem_comp_atom.type_symbol 
_chem_comp_atom.pdbx_aromatic_flag 
_chem_comp_atom.pdbx_stereo_config 
_chem_comp_atom.pdbx_ordinal 
DC  OP3    O N N 1  
DC  P      P N N 2  
DC  OP1    O N N 3  
DC  OP2    O N N 4  
DC  "O5'"  O N N 5  
DC  "C5'"  C N N 6  
DC  "C4'"  C N R 7  
DC  "O4'"  O N N 8  
DC  "C3'"  C N S 9  
DC  "O3'"  O N N 10 
DC  "C2'"  C N N 11 
DC  "C1'"  C N R 12 
DC  N1     N N N 13 
DC  C2     C N N 14 
DC  O2     O N N 15 
DC  N3     N N N 16 
DC  C4     C N N 17 
DC  N4     N N N 18 
DC  C5     C N N 19 
DC  C6     C N N 20 
DC  HOP3   H N N 21 
DC  HOP2   H N N 22 
DC  "H5'"  H N N 23 
DC  "H5''" H N N 24 
DC  "H4'"  H N N 25 
DC  "H3'"  H N N 26 
DC  "HO3'" H N N 27 
DC  "H2'"  H N N 28 
DC  "H2''" H N N 29 
DC  "H1'"  H N N 30 
DC  H41    H N N 31 
DC  H42    H N N 32 
DC  H5     H N N 33 
DC  H6     H N N 34 
DG  OP3    O N N 35 
DG  P      P N N 36 
DG  OP1    O N N 37 
DG  OP2    O N N 38 
DG  "O5'"  O N N 39 
DG  "C5'"  C N N 40 
DG  "C4'"  C N R 41 
DG  "O4'"  O N N 42 
DG  "C3'"  C N S 43 
DG  "O3'"  O N N 44 
DG  "C2'"  C N N 45 
DG  "C1'"  C N R 46 
DG  N9     N Y N 47 
DG  C8     C Y N 48 
DG  N7     N Y N 49 
DG  C5     C Y N 50 
DG  C6     C N N 51 
DG  O6     O N N 52 
DG  N1     N N N 53 
DG  C2     C N N 54 
DG  N2     N N N 55 
DG  N3     N N N 56 
DG  C4     C Y N 57 
DG  HOP3   H N N 58 
DG  HOP2   H N N 59 
DG  "H5'"  H N N 60 
DG  "H5''" H N N 61 
DG  "H4'"  H N N 62 
DG  "H3'"  H N N 63 
DG  "HO3'" H N N 64 
DG  "H2'"  H N N 65 
DG  "H2''" H N N 66 
DG  "H1'"  H N N 67 
DG  H8     H N N 68 
DG  H1     H N N 69 
DG  H21    H N N 70 
DG  H22    H N N 71 
HOH O      O N N 72 
HOH H1     H N N 73 
HOH H2     H N N 74 
# 
loop_
_chem_comp_bond.comp_id 
_chem_comp_bond.atom_id_1 
_chem_comp_bond.atom_id_2 
_chem_comp_bond.value_order 
_chem_comp_bond.pdbx_aromatic_flag 
_chem_comp_bond.pdbx_stereo_config 
_chem_comp_bond.pdbx_ordinal 
DC  OP3   P      sing N N 1  
DC  OP3   HOP3   sing N N 2  
DC  P     OP1    doub N N 3  
DC  P     OP2    sing N N 4  
DC  P     "O5'"  sing N N 5  
DC  OP2   HOP2   sing N N 6  
DC  "O5'" "C5'"  sing N N 7  
DC  "C5'" "C4'"  sing N N 8  
DC  "C5'" "H5'"  sing N N 9  
DC  "C5'" "H5''" sing N N 10 
DC  "C4'" "O4'"  sing N N 11 
DC  "C4'" "C3'"  sing N N 12 
DC  "C4'" "H4'"  sing N N 13 
DC  "O4'" "C1'"  sing N N 14 
DC  "C3'" "O3'"  sing N N 15 
DC  "C3'" "C2'"  sing N N 16 
DC  "C3'" "H3'"  sing N N 17 
DC  "O3'" "HO3'" sing N N 18 
DC  "C2'" "C1'"  sing N N 19 
DC  "C2'" "H2'"  sing N N 20 
DC  "C2'" "H2''" sing N N 21 
DC  "C1'" N1     sing N N 22 
DC  "C1'" "H1'"  sing N N 23 
DC  N1    C2     sing N N 24 
DC  N1    C6     sing N N 25 
DC  C2    O2     doub N N 26 
DC  C2    N3     sing N N 27 
DC  N3    C4     doub N N 28 
DC  C4    N4     sing N N 29 
DC  C4    C5     sing N N 30 
DC  N4    H41    sing N N 31 
DC  N4    H42    sing N N 32 
DC  C5    C6     doub N N 33 
DC  C5    H5     sing N N 34 
DC  C6    H6     sing N N 35 
DG  OP3   P      sing N N 36 
DG  OP3   HOP3   sing N N 37 
DG  P     OP1    doub N N 38 
DG  P     OP2    sing N N 39 
DG  P     "O5'"  sing N N 40 
DG  OP2   HOP2   sing N N 41 
DG  "O5'" "C5'"  sing N N 42 
DG  "C5'" "C4'"  sing N N 43 
DG  "C5'" "H5'"  sing N N 44 
DG  "C5'" "H5''" sing N N 45 
DG  "C4'" "O4'"  sing N N 46 
DG  "C4'" "C3'"  sing N N 47 
DG  "C4'" "H4'"  sing N N 48 
DG  "O4'" "C1'"  sing N N 49 
DG  "C3'" "O3'"  sing N N 50 
DG  "C3'" "C2'"  sing N N 51 
DG  "C3'" "H3'"  sing N N 52 
DG  "O3'" "HO3'" sing N N 53 
DG  "C2'" "C1'"  sing N N 54 
DG  "C2'" "H2'"  sing N N 55 
DG  "C2'" "H2''" sing N N 56 
DG  "C1'" N9     sing N N 57 
DG  "C1'" "H1'"  sing N N 58 
DG  N9    C8     sing Y N 59 
DG  N9    C4     sing Y N 60 
DG  C8    N7     doub Y N 61 
DG  C8    H8     sing N N 62 
DG  N7    C5     sing Y N 63 
DG  C5    C6     sing N N 64 
DG  C5    C4     doub Y N 65 
DG  C6    O6     doub N N 66 
DG  C6    N1     sing N N 67 
DG  N1    C2     sing N N 68 
DG  N1    H1     sing N N 69 
DG  C2    N2     sing N N 70 
DG  C2    N3     doub N N 71 
DG  N2    H21    sing N N 72 
DG  N2    H22    sing N N 73 
DG  N3    C4     sing N N 74 
HOH O     H1     sing N N 75 
HOH O     H2     sing N N 76 
# 
_ndb_struct_conf_na.entry_id   1ZEX 
_ndb_struct_conf_na.feature    'a-form double helix' 
# 
loop_
_ndb_struct_na_base_pair.model_number 
_ndb_struct_na_base_pair.i_label_asym_id 
_ndb_struct_na_base_pair.i_label_comp_id 
_ndb_struct_na_base_pair.i_label_seq_id 
_ndb_struct_na_base_pair.i_symmetry 
_ndb_struct_na_base_pair.j_label_asym_id 
_ndb_struct_na_base_pair.j_label_comp_id 
_ndb_struct_na_base_pair.j_label_seq_id 
_ndb_struct_na_base_pair.j_symmetry 
_ndb_struct_na_base_pair.shear 
_ndb_struct_na_base_pair.stretch 
_ndb_struct_na_base_pair.stagger 
_ndb_struct_na_base_pair.buckle 
_ndb_struct_na_base_pair.propeller 
_ndb_struct_na_base_pair.opening 
_ndb_struct_na_base_pair.pair_number 
_ndb_struct_na_base_pair.pair_name 
_ndb_struct_na_base_pair.i_auth_asym_id 
_ndb_struct_na_base_pair.i_auth_seq_id 
_ndb_struct_na_base_pair.i_PDB_ins_code 
_ndb_struct_na_base_pair.j_auth_asym_id 
_ndb_struct_na_base_pair.j_auth_seq_id 
_ndb_struct_na_base_pair.j_PDB_ins_code 
_ndb_struct_na_base_pair.hbond_type_28 
_ndb_struct_na_base_pair.hbond_type_12 
1 A DC 1  1_555 B DG 10 1_555 0.320  -0.096 0.049  4.405   -8.121  1.873  1  A_DC1:DG20_B  A 1  ? B 20 ? 19 1 
1 A DC 2  1_555 B DG 9  1_555 0.244  -0.155 0.103  7.163   -6.022  1.559  2  A_DC2:DG19_B  A 2  ? B 19 ? 19 1 
1 A DC 3  1_555 B DG 8  1_555 0.420  -0.106 -0.221 6.682   -5.763  2.669  3  A_DC3:DG18_B  A 3  ? B 18 ? 19 1 
1 A DG 4  1_555 B DC 7  1_555 -0.355 -0.143 -0.118 -10.063 -13.390 -0.177 4  A_DG4:DC17_B  A 4  ? B 17 ? 19 1 
1 A DG 5  1_555 B DC 6  1_555 -0.103 -0.095 -0.232 -11.363 -10.768 2.276  5  A_DG5:DC16_B  A 5  ? B 16 ? 19 1 
1 A DC 6  1_555 B DG 5  1_555 0.282  -0.221 -0.151 -6.094  -10.330 -2.892 6  A_DC6:DG15_B  A 6  ? B 15 ? 19 1 
1 A DC 7  1_555 B DG 4  1_555 0.246  -0.118 -0.035 1.230   -9.427  1.730  7  A_DC7:DG14_B  A 7  ? B 14 ? 19 1 
1 A DG 8  1_555 B DC 3  1_555 -0.337 -0.160 -0.336 -2.393  -5.392  1.434  8  A_DG8:DC13_B  A 8  ? B 13 ? 19 1 
1 A DG 9  1_555 B DC 2  1_555 -0.264 -0.178 -0.264 -11.509 -10.731 0.453  9  A_DG9:DC12_B  A 9  ? B 12 ? 19 1 
1 A DG 10 1_555 B DC 1  1_555 -0.308 0.050  -0.100 -3.119  -2.751  3.606  10 A_DG10:DC11_B A 10 ? B 11 ? 19 1 
# 
loop_
_ndb_struct_na_base_pair_step.model_number 
_ndb_struct_na_base_pair_step.i_label_asym_id_1 
_ndb_struct_na_base_pair_step.i_label_comp_id_1 
_ndb_struct_na_base_pair_step.i_label_seq_id_1 
_ndb_struct_na_base_pair_step.i_symmetry_1 
_ndb_struct_na_base_pair_step.j_label_asym_id_1 
_ndb_struct_na_base_pair_step.j_label_comp_id_1 
_ndb_struct_na_base_pair_step.j_label_seq_id_1 
_ndb_struct_na_base_pair_step.j_symmetry_1 
_ndb_struct_na_base_pair_step.i_label_asym_id_2 
_ndb_struct_na_base_pair_step.i_label_comp_id_2 
_ndb_struct_na_base_pair_step.i_label_seq_id_2 
_ndb_struct_na_base_pair_step.i_symmetry_2 
_ndb_struct_na_base_pair_step.j_label_asym_id_2 
_ndb_struct_na_base_pair_step.j_label_comp_id_2 
_ndb_struct_na_base_pair_step.j_label_seq_id_2 
_ndb_struct_na_base_pair_step.j_symmetry_2 
_ndb_struct_na_base_pair_step.shift 
_ndb_struct_na_base_pair_step.slide 
_ndb_struct_na_base_pair_step.rise 
_ndb_struct_na_base_pair_step.tilt 
_ndb_struct_na_base_pair_step.roll 
_ndb_struct_na_base_pair_step.twist 
_ndb_struct_na_base_pair_step.x_displacement 
_ndb_struct_na_base_pair_step.y_displacement 
_ndb_struct_na_base_pair_step.helical_rise 
_ndb_struct_na_base_pair_step.inclination 
_ndb_struct_na_base_pair_step.tip 
_ndb_struct_na_base_pair_step.helical_twist 
_ndb_struct_na_base_pair_step.step_number 
_ndb_struct_na_base_pair_step.step_name 
_ndb_struct_na_base_pair_step.i_auth_asym_id_1 
_ndb_struct_na_base_pair_step.i_auth_seq_id_1 
_ndb_struct_na_base_pair_step.i_PDB_ins_code_1 
_ndb_struct_na_base_pair_step.j_auth_asym_id_1 
_ndb_struct_na_base_pair_step.j_auth_seq_id_1 
_ndb_struct_na_base_pair_step.j_PDB_ins_code_1 
_ndb_struct_na_base_pair_step.i_auth_asym_id_2 
_ndb_struct_na_base_pair_step.i_auth_seq_id_2 
_ndb_struct_na_base_pair_step.i_PDB_ins_code_2 
_ndb_struct_na_base_pair_step.j_auth_asym_id_2 
_ndb_struct_na_base_pair_step.j_auth_seq_id_2 
_ndb_struct_na_base_pair_step.j_PDB_ins_code_2 
1 A DC 1 1_555 B DG 10 1_555 A DC 2  1_555 B DG 9 1_555 0.298  -1.951 3.147 -3.362 0.777  34.314 -3.406 -0.999 3.062 1.313  5.681  
34.482 1 AA_DC1DC2:DG19DG20_BB  A 1 ? B 20 ? A 2  ? B 19 ? 
1 A DC 2 1_555 B DG 9  1_555 A DC 3  1_555 B DG 8 1_555 -0.113 -2.243 3.242 1.305  1.406  27.842 -4.976 0.537  3.118 2.917  -2.708 
27.907 2 AA_DC2DC3:DG18DG19_BB  A 2 ? B 19 ? A 3  ? B 18 ? 
1 A DC 3 1_555 B DG 8  1_555 A DG 4  1_555 B DC 7 1_555 -1.584 -1.959 3.635 -3.022 11.363 30.563 -5.508 2.275  2.882 20.623 5.485  
32.696 3 AA_DC3DG4:DC17DG18_BB  A 3 ? B 18 ? A 4  ? B 17 ? 
1 A DG 4 1_555 B DC 7  1_555 A DG 5  1_555 B DC 6 1_555 0.927  -1.829 3.304 4.423  12.699 26.820 -5.935 -0.961 2.339 25.446 -8.862 
29.947 4 AA_DG4DG5:DC16DC17_BB  A 4 ? B 17 ? A 5  ? B 16 ? 
1 A DG 5 1_555 B DC 6  1_555 A DC 6  1_555 B DG 5 1_555 -0.829 -1.034 3.124 -0.408 9.774  34.065 -3.016 1.308  2.742 16.272 0.680  
35.401 5 AA_DG5DC6:DG15DC16_BB  A 5 ? B 16 ? A 6  ? B 15 ? 
1 A DC 6 1_555 B DG 5  1_555 A DC 7  1_555 B DG 4 1_555 1.235  -1.310 3.174 2.234  9.256  31.281 -3.818 -1.837 2.764 16.687 -4.028 
32.664 6 AA_DC6DC7:DG14DG15_BB  A 6 ? B 15 ? A 7  ? B 14 ? 
1 A DC 7 1_555 B DG 4  1_555 A DG 8  1_555 B DC 3 1_555 0.500  -1.942 3.522 2.012  6.377  24.135 -6.389 -0.552 2.950 14.889 -4.698 
25.031 7 AA_DC7DG8:DC13DG14_BB  A 7 ? B 14 ? A 8  ? B 13 ? 
1 A DG 8 1_555 B DC 3  1_555 A DG 9  1_555 B DC 2 1_555 0.118  -2.063 3.417 0.177  9.832  29.773 -5.579 -0.187 2.620 18.509 -0.334 
31.320 8 AA_DG8DG9:DC12DC13_BB  A 8 ? B 13 ? A 9  ? B 12 ? 
1 A DG 9 1_555 B DC 2  1_555 A DG 10 1_555 B DC 1 1_555 0.435  -1.944 3.213 4.485  -0.013 32.307 -3.460 -0.001 3.243 -0.023 -8.012 
32.609 9 AA_DG9DG10:DC11DC12_BB A 9 ? B 12 ? A 10 ? B 11 ? 
# 
_pdbx_initial_refinement_model.accession_code   160D 
_pdbx_initial_refinement_model.id               1 
_pdbx_initial_refinement_model.entity_id_list   ? 
_pdbx_initial_refinement_model.type             'experimental model' 
_pdbx_initial_refinement_model.source_name      PDB 
_pdbx_initial_refinement_model.details          'ndb entry ADJ049' 
# 
_atom_sites.entry_id                    1ZEX 
_atom_sites.fract_transf_matrix[1][1]   -0.01807393 
_atom_sites.fract_transf_matrix[1][2]   0.02752945 
_atom_sites.fract_transf_matrix[1][3]   0.02564547 
_atom_sites.fract_transf_matrix[2][1]   -0.01865333 
_atom_sites.fract_transf_matrix[2][2]   -0.01195925 
_atom_sites.fract_transf_matrix[2][3]   -0.00030833 
_atom_sites.fract_transf_matrix[3][1]   0.00717354 
_atom_sites.fract_transf_matrix[3][2]   -0.01164139 
_atom_sites.fract_transf_matrix[3][3]   0.01755223 
_atom_sites.fract_transf_vector[1]      0.121855 
_atom_sites.fract_transf_vector[2]      -0.033820 
_atom_sites.fract_transf_vector[3]      0.235074 
# 
loop_
_atom_type.symbol 
C 
N 
O 
P 
# 
loop_
_atom_site.group_PDB 
_atom_site.id 
_atom_site.type_symbol 
_atom_site.label_atom_id 
_atom_site.label_alt_id 
_atom_site.label_comp_id 
_atom_site.label_asym_id 
_atom_site.label_entity_id 
_atom_site.label_seq_id 
_atom_site.pdbx_PDB_ins_code 
_atom_site.Cartn_x 
_atom_site.Cartn_y 
_atom_site.Cartn_z 
_atom_site.occupancy 
_atom_site.B_iso_or_equiv 
_atom_site.pdbx_formal_charge 
_atom_site.auth_seq_id 
_atom_site.auth_comp_id 
_atom_site.auth_asym_id 
_atom_site.auth_atom_id 
_atom_site.pdbx_PDB_model_num 
ATOM   1   O "O5'" . DC  A 1 1  ? -6.478  -6.449  -9.750  1.00 10.55  ? 1  DC  A "O5'" 1 
ATOM   2   C "C5'" . DC  A 1 1  ? -7.894  -6.223  -9.673  1.00 8.64   ? 1  DC  A "C5'" 1 
ATOM   3   C "C4'" . DC  A 1 1  ? -8.533  -6.996  -8.528  1.00 8.10   ? 1  DC  A "C4'" 1 
ATOM   4   O "O4'" . DC  A 1 1  ? -8.012  -8.344  -8.500  1.00 6.38   ? 1  DC  A "O4'" 1 
ATOM   5   C "C3'" . DC  A 1 1  ? -8.266  -6.451  -7.133  1.00 7.87   ? 1  DC  A "C3'" 1 
ATOM   6   O "O3'" . DC  A 1 1  ? -9.209  -5.429  -6.807  1.00 9.16   ? 1  DC  A "O3'" 1 
ATOM   7   C "C2'" . DC  A 1 1  ? -8.498  -7.698  -6.292  1.00 6.74   ? 1  DC  A "C2'" 1 
ATOM   8   C "C1'" . DC  A 1 1  ? -7.909  -8.800  -7.166  1.00 5.61   ? 1  DC  A "C1'" 1 
ATOM   9   N N1    . DC  A 1 1  ? -6.490  -9.174  -6.788  1.00 5.19   ? 1  DC  A N1    1 
ATOM   10  C C2    . DC  A 1 1  ? -6.262  -9.882  -5.595  1.00 3.96   ? 1  DC  A C2    1 
ATOM   11  O O2    . DC  A 1 1  ? -7.210  -10.186 -4.877  1.00 4.46   ? 1  DC  A O2    1 
ATOM   12  N N3    . DC  A 1 1  ? -4.996  -10.221 -5.245  1.00 5.38   ? 1  DC  A N3    1 
ATOM   13  C C4    . DC  A 1 1  ? -3.966  -9.888  -6.024  1.00 4.73   ? 1  DC  A C4    1 
ATOM   14  N N4    . DC  A 1 1  ? -2.743  -10.252 -5.622  1.00 5.27   ? 1  DC  A N4    1 
ATOM   15  C C5    . DC  A 1 1  ? -4.164  -9.165  -7.242  1.00 5.01   ? 1  DC  A C5    1 
ATOM   16  C C6    . DC  A 1 1  ? -5.420  -8.836  -7.578  1.00 4.23   ? 1  DC  A C6    1 
ATOM   17  P P     . DC  A 1 2  ? -8.910  -4.358  -5.645  1.00 9.58   ? 2  DC  A P     1 
ATOM   18  O OP1   . DC  A 1 2  ? -10.046 -3.409  -5.553  1.00 10.51  ? 2  DC  A OP1   1 
ATOM   19  O OP2   . DC  A 1 2  ? -7.530  -3.869  -5.847  1.00 9.92   ? 2  DC  A OP2   1 
ATOM   20  O "O5'" . DC  A 1 2  ? -8.905  -5.255  -4.327  1.00 8.25   ? 2  DC  A "O5'" 1 
ATOM   21  C "C5'" . DC  A 1 2  ? -10.109 -5.816  -3.829  1.00 6.37   ? 2  DC  A "C5'" 1 
ATOM   22  C "C4'" . DC  A 1 2  ? -9.784  -6.595  -2.572  1.00 5.71   ? 2  DC  A "C4'" 1 
ATOM   23  O "O4'" . DC  A 1 2  ? -8.851  -7.642  -2.923  1.00 5.01   ? 2  DC  A "O4'" 1 
ATOM   24  C "C3'" . DC  A 1 2  ? -9.090  -5.770  -1.492  1.00 5.37   ? 2  DC  A "C3'" 1 
ATOM   25  O "O3'" . DC  A 1 2  ? -10.054 -5.144  -0.642  1.00 6.15   ? 2  DC  A "O3'" 1 
ATOM   26  C "C2'" . DC  A 1 2  ? -8.304  -6.828  -0.740  1.00 5.13   ? 2  DC  A "C2'" 1 
ATOM   27  C "C1'" . DC  A 1 2  ? -7.975  -7.849  -1.827  1.00 4.57   ? 2  DC  A "C1'" 1 
ATOM   28  N N1    . DC  A 1 2  ? -6.532  -7.850  -2.258  1.00 4.60   ? 2  DC  A N1    1 
ATOM   29  C C2    . DC  A 1 2  ? -5.584  -8.454  -1.420  1.00 3.35   ? 2  DC  A C2    1 
ATOM   30  O O2    . DC  A 1 2  ? -5.954  -8.960  -0.349  1.00 2.97   ? 2  DC  A O2    1 
ATOM   31  N N3    . DC  A 1 2  ? -4.279  -8.465  -1.801  1.00 4.06   ? 2  DC  A N3    1 
ATOM   32  C C4    . DC  A 1 2  ? -3.911  -7.914  -2.959  1.00 4.47   ? 2  DC  A C4    1 
ATOM   33  N N4    . DC  A 1 2  ? -2.617  -7.961  -3.288  1.00 4.73   ? 2  DC  A N4    1 
ATOM   34  C C5    . DC  A 1 2  ? -4.859  -7.293  -3.832  1.00 4.66   ? 2  DC  A C5    1 
ATOM   35  C C6    . DC  A 1 2  ? -6.145  -7.282  -3.444  1.00 4.65   ? 2  DC  A C6    1 
ATOM   36  P P     . DC  A 1 3  ? -9.641  -3.985  0.386   1.00 7.04   ? 3  DC  A P     1 
ATOM   37  O OP1   . DC  A 1 3  ? -10.867 -3.587  1.121   1.00 7.17   ? 3  DC  A OP1   1 
ATOM   38  O OP2   . DC  A 1 3  ? -8.827  -2.991  -0.344  1.00 6.28   ? 3  DC  A OP2   1 
ATOM   39  O "O5'" . DC  A 1 3  ? -8.584  -4.703  1.356   1.00 7.20   ? 3  DC  A "O5'" 1 
ATOM   40  C "C5'" . DC  A 1 3  ? -8.791  -4.916  2.735   1.00 7.44   ? 3  DC  A "C5'" 1 
ATOM   41  C "C4'" . DC  A 1 3  ? -7.595  -5.639  3.341   1.00 5.92   ? 3  DC  A "C4'" 1 
ATOM   42  O "O4'" . DC  A 1 3  ? -6.877  -6.420  2.345   1.00 5.62   ? 3  DC  A "O4'" 1 
ATOM   43  C "C3'" . DC  A 1 3  ? -6.501  -4.754  3.920   1.00 5.74   ? 3  DC  A "C3'" 1 
ATOM   44  O "O3'" . DC  A 1 3  ? -6.892  -4.182  5.170   1.00 6.27   ? 3  DC  A "O3'" 1 
ATOM   45  C "C2'" . DC  A 1 3  ? -5.400  -5.790  4.107   1.00 5.64   ? 3  DC  A "C2'" 1 
ATOM   46  C "C1'" . DC  A 1 3  ? -5.569  -6.655  2.853   1.00 5.35   ? 3  DC  A "C1'" 1 
ATOM   47  N N1    . DC  A 1 3  ? -4.485  -6.410  1.825   1.00 4.58   ? 3  DC  A N1    1 
ATOM   48  C C2    . DC  A 1 3  ? -3.172  -6.856  2.101   1.00 4.67   ? 3  DC  A C2    1 
ATOM   49  O O2    . DC  A 1 3  ? -2.928  -7.437  3.166   1.00 3.63   ? 3  DC  A O2    1 
ATOM   50  N N3    . DC  A 1 3  ? -2.188  -6.637  1.189   1.00 4.56   ? 3  DC  A N3    1 
ATOM   51  C C4    . DC  A 1 3  ? -2.477  -6.009  0.041   1.00 4.59   ? 3  DC  A C4    1 
ATOM   52  N N4    . DC  A 1 3  ? -1.472  -5.821  -0.818  1.00 4.53   ? 3  DC  A N4    1 
ATOM   53  C C5    . DC  A 1 3  ? -3.796  -5.546  -0.262  1.00 4.17   ? 3  DC  A C5    1 
ATOM   54  C C6    . DC  A 1 3  ? -4.762  -5.763  0.649   1.00 4.04   ? 3  DC  A C6    1 
ATOM   55  P P     . DG  A 1 4  ? -5.963  -3.123  5.936   1.00 5.98   ? 4  DG  A P     1 
ATOM   56  O OP1   . DG  A 1 4  ? -6.818  -2.452  6.938   1.00 5.96   ? 4  DG  A OP1   1 
ATOM   57  O OP2   . DG  A 1 4  ? -5.230  -2.306  4.941   1.00 5.98   ? 4  DG  A OP2   1 
ATOM   58  O "O5'" . DG  A 1 4  ? -4.855  -4.030  6.666   1.00 5.46   ? 4  DG  A "O5'" 1 
ATOM   59  C "C5'" . DG  A 1 4  ? -5.080  -4.863  7.799   1.00 4.06   ? 4  DG  A "C5'" 1 
ATOM   60  C "C4'" . DG  A 1 4  ? -3.757  -5.176  8.492   1.00 3.41   ? 4  DG  A "C4'" 1 
ATOM   61  O "O4'" . DG  A 1 4  ? -2.919  -6.027  7.662   1.00 2.85   ? 4  DG  A "O4'" 1 
ATOM   62  C "C3'" . DG  A 1 4  ? -2.872  -3.971  8.777   1.00 3.46   ? 4  DG  A "C3'" 1 
ATOM   63  O "O3'" . DG  A 1 4  ? -3.212  -3.382  10.013  1.00 4.66   ? 4  DG  A "O3'" 1 
ATOM   64  C "C2'" . DG  A 1 4  ? -1.463  -4.552  8.817   1.00 2.70   ? 4  DG  A "C2'" 1 
ATOM   65  C "C1'" . DG  A 1 4  ? -1.568  -5.584  7.709   1.00 2.11   ? 4  DG  A "C1'" 1 
ATOM   66  N N9    . DG  A 1 4  ? -1.151  -5.115  6.378   1.00 2.00   ? 4  DG  A N9    1 
ATOM   67  C C8    . DG  A 1 4  ? -1.970  -4.712  5.349   1.00 2.00   ? 4  DG  A C8    1 
ATOM   68  N N7    . DG  A 1 4  ? -1.320  -4.365  4.272   1.00 2.00   ? 4  DG  A N7    1 
ATOM   69  C C5    . DG  A 1 4  ? 0.018   -4.551  4.598   1.00 2.00   ? 4  DG  A C5    1 
ATOM   70  C C6    . DG  A 1 4  ? 1.191   -4.343  3.821   1.00 2.00   ? 4  DG  A C6    1 
ATOM   71  O O6    . DG  A 1 4  ? 1.267   -3.931  2.659   1.00 2.00   ? 4  DG  A O6    1 
ATOM   72  N N1    . DG  A 1 4  ? 2.365   -4.650  4.519   1.00 2.00   ? 4  DG  A N1    1 
ATOM   73  C C2    . DG  A 1 4  ? 2.390   -5.120  5.821   1.00 2.00   ? 4  DG  A C2    1 
ATOM   74  N N2    . DG  A 1 4  ? 3.600   -5.374  6.341   1.00 2.00   ? 4  DG  A N2    1 
ATOM   75  N N3    . DG  A 1 4  ? 1.298   -5.316  6.558   1.00 2.00   ? 4  DG  A N3    1 
ATOM   76  C C4    . DG  A 1 4  ? 0.144   -5.020  5.892   1.00 2.00   ? 4  DG  A C4    1 
ATOM   77  P P     . DG  A 1 5  ? -2.956  -1.823  10.176  1.00 5.94   ? 5  DG  A P     1 
ATOM   78  O OP1   . DG  A 1 5  ? -3.420  -1.443  11.536  1.00 7.16   ? 5  DG  A OP1   1 
ATOM   79  O OP2   . DG  A 1 5  ? -3.507  -1.131  8.983   1.00 5.88   ? 5  DG  A OP2   1 
ATOM   80  O "O5'" . DG  A 1 5  ? -1.359  -1.722  10.156  1.00 4.55   ? 5  DG  A "O5'" 1 
ATOM   81  C "C5'" . DG  A 1 5  ? -0.693  -0.621  9.559   1.00 2.75   ? 5  DG  A "C5'" 1 
ATOM   82  C "C4'" . DG  A 1 5  ? 0.786   -0.902  9.477   1.00 3.17   ? 5  DG  A "C4'" 1 
ATOM   83  O "O4'" . DG  A 1 5  ? 1.024   -1.932  8.482   1.00 2.00   ? 5  DG  A "O4'" 1 
ATOM   84  C "C3'" . DG  A 1 5  ? 1.618   0.291   9.037   1.00 3.91   ? 5  DG  A "C3'" 1 
ATOM   85  O "O3'" . DG  A 1 5  ? 1.937   1.095   10.178  1.00 5.05   ? 5  DG  A "O3'" 1 
ATOM   86  C "C2'" . DG  A 1 5  ? 2.834   -0.396  8.430   1.00 3.41   ? 5  DG  A "C2'" 1 
ATOM   87  C "C1'" . DG  A 1 5  ? 2.192   -1.608  7.750   1.00 2.77   ? 5  DG  A "C1'" 1 
ATOM   88  N N9    . DG  A 1 5  ? 1.832   -1.423  6.342   1.00 2.53   ? 5  DG  A N9    1 
ATOM   89  C C8    . DG  A 1 5  ? 0.572   -1.318  5.792   1.00 2.57   ? 5  DG  A C8    1 
ATOM   90  N N7    . DG  A 1 5  ? 0.575   -1.177  4.491   1.00 2.38   ? 5  DG  A N7    1 
ATOM   91  C C5    . DG  A 1 5  ? 1.922   -1.182  4.148   1.00 2.48   ? 5  DG  A C5    1 
ATOM   92  C C6    . DG  A 1 5  ? 2.562   -1.069  2.883   1.00 2.00   ? 5  DG  A C6    1 
ATOM   93  O O6    . DG  A 1 5  ? 2.034   -0.927  1.770   1.00 2.00   ? 5  DG  A O6    1 
ATOM   94  N N1    . DG  A 1 5  ? 3.954   -1.129  2.981   1.00 2.68   ? 5  DG  A N1    1 
ATOM   95  C C2    . DG  A 1 5  ? 4.647   -1.284  4.173   1.00 2.61   ? 5  DG  A C2    1 
ATOM   96  N N2    . DG  A 1 5  ? 5.988   -1.324  4.114   1.00 2.61   ? 5  DG  A N2    1 
ATOM   97  N N3    . DG  A 1 5  ? 4.058   -1.394  5.356   1.00 2.00   ? 5  DG  A N3    1 
ATOM   98  C C4    . DG  A 1 5  ? 2.704   -1.340  5.277   1.00 2.39   ? 5  DG  A C4    1 
ATOM   99  P P     . DC  A 1 6  ? 1.988   2.695   10.050  1.00 6.07   ? 6  DC  A P     1 
ATOM   100 O OP1   . DC  A 1 6  ? 1.923   3.261   11.415  1.00 7.27   ? 6  DC  A OP1   1 
ATOM   101 O OP2   . DC  A 1 6  ? 1.016   3.108   9.019   1.00 6.26   ? 6  DC  A OP2   1 
ATOM   102 O "O5'" . DC  A 1 6  ? 3.420   2.998   9.417   1.00 5.16   ? 6  DC  A "O5'" 1 
ATOM   103 C "C5'" . DC  A 1 6  ? 4.640   2.710   10.092  1.00 5.51   ? 6  DC  A "C5'" 1 
ATOM   104 C "C4'" . DC  A 1 6  ? 5.816   2.905   9.155   1.00 6.20   ? 6  DC  A "C4'" 1 
ATOM   105 O "O4'" . DC  A 1 6  ? 5.786   1.858   8.149   1.00 5.96   ? 6  DC  A "O4'" 1 
ATOM   106 C "C3'" . DC  A 1 6  ? 5.816   4.189   8.327   1.00 5.71   ? 6  DC  A "C3'" 1 
ATOM   107 O "O3'" . DC  A 1 6  ? 6.324   5.286   9.062   1.00 6.19   ? 6  DC  A "O3'" 1 
ATOM   108 C "C2'" . DC  A 1 6  ? 6.777   3.780   7.222   1.00 5.89   ? 6  DC  A "C2'" 1 
ATOM   109 C "C1'" . DC  A 1 6  ? 6.303   2.360   6.931   1.00 5.89   ? 6  DC  A "C1'" 1 
ATOM   110 N N1    . DC  A 1 6  ? 5.257   2.282   5.849   1.00 5.31   ? 6  DC  A N1    1 
ATOM   111 C C2    . DC  A 1 6  ? 5.659   2.262   4.501   1.00 5.26   ? 6  DC  A C2    1 
ATOM   112 O O2    . DC  A 1 6  ? 6.867   2.319   4.230   1.00 4.82   ? 6  DC  A O2    1 
ATOM   113 N N3    . DC  A 1 6  ? 4.706   2.193   3.533   1.00 6.22   ? 6  DC  A N3    1 
ATOM   114 C C4    . DC  A 1 6  ? 3.410   2.146   3.857   1.00 5.60   ? 6  DC  A C4    1 
ATOM   115 N N4    . DC  A 1 6  ? 2.517   2.080   2.864   1.00 5.60   ? 6  DC  A N4    1 
ATOM   116 C C5    . DC  A 1 6  ? 2.974   2.162   5.217   1.00 5.32   ? 6  DC  A C5    1 
ATOM   117 C C6    . DC  A 1 6  ? 3.921   2.229   6.161   1.00 5.94   ? 6  DC  A C6    1 
ATOM   118 P P     . DC  A 1 7  ? 5.753   6.772   8.883   1.00 6.99   ? 7  DC  A P     1 
ATOM   119 O OP1   . DC  A 1 7  ? 6.460   7.606   9.878   1.00 6.51   ? 7  DC  A OP1   1 
ATOM   120 O OP2   . DC  A 1 7  ? 4.271   6.753   8.859   1.00 6.10   ? 7  DC  A OP2   1 
ATOM   121 O "O5'" . DC  A 1 7  ? 6.240   7.200   7.418   1.00 6.02   ? 7  DC  A "O5'" 1 
ATOM   122 C "C5'" . DC  A 1 7  ? 7.623   7.277   7.113   1.00 4.81   ? 7  DC  A "C5'" 1 
ATOM   123 C "C4'" . DC  A 1 7  ? 7.838   7.367   5.616   1.00 5.67   ? 7  DC  A "C4'" 1 
ATOM   124 O "O4'" . DC  A 1 7  ? 7.418   6.129   4.977   1.00 4.41   ? 7  DC  A "O4'" 1 
ATOM   125 C "C3'" . DC  A 1 7  ? 7.006   8.418   4.896   1.00 4.95   ? 7  DC  A "C3'" 1 
ATOM   126 O "O3'" . DC  A 1 7  ? 7.480   9.745   5.113   1.00 7.50   ? 7  DC  A "O3'" 1 
ATOM   127 C "C2'" . DC  A 1 7  ? 7.232   7.940   3.468   1.00 4.86   ? 7  DC  A "C2'" 1 
ATOM   128 C "C1'" . DC  A 1 7  ? 6.998   6.444   3.656   1.00 3.63   ? 7  DC  A "C1'" 1 
ATOM   129 N N1    . DC  A 1 7  ? 5.567   6.062   3.384   1.00 3.53   ? 7  DC  A N1    1 
ATOM   130 C C2    . DC  A 1 7  ? 5.198   5.777   2.057   1.00 3.38   ? 7  DC  A C2    1 
ATOM   131 O O2    . DC  A 1 7  ? 6.049   5.831   1.148   1.00 3.66   ? 7  DC  A O2    1 
ATOM   132 N N3    . DC  A 1 7  ? 3.906   5.444   1.796   1.00 2.45   ? 7  DC  A N3    1 
ATOM   133 C C4    . DC  A 1 7  ? 3.006   5.389   2.783   1.00 2.91   ? 7  DC  A C4    1 
ATOM   134 N N4    . DC  A 1 7  ? 1.753   5.055   2.460   1.00 3.07   ? 7  DC  A N4    1 
ATOM   135 C C5    . DC  A 1 7  ? 3.363   5.681   4.139   1.00 3.27   ? 7  DC  A C5    1 
ATOM   136 C C6    . DC  A 1 7  ? 4.640   6.010   4.393   1.00 2.67   ? 7  DC  A C6    1 
ATOM   137 P P     . DG  A 1 8  ? 6.518   11.003  4.863   1.00 7.53   ? 8  DG  A P     1 
ATOM   138 O OP1   . DG  A 1 8  ? 7.317   12.207  5.183   1.00 8.26   ? 8  DG  A OP1   1 
ATOM   139 O OP2   . DG  A 1 8  ? 5.218   10.793  5.531   1.00 8.05   ? 8  DG  A OP2   1 
ATOM   140 O "O5'" . DG  A 1 8  ? 6.224   10.933  3.280   1.00 7.08   ? 8  DG  A "O5'" 1 
ATOM   141 C "C5'" . DG  A 1 8  ? 7.112   11.528  2.348   1.00 4.74   ? 8  DG  A "C5'" 1 
ATOM   142 C "C4'" . DG  A 1 8  ? 6.776   11.161  0.914   1.00 3.58   ? 8  DG  A "C4'" 1 
ATOM   143 O "O4'" . DG  A 1 8  ? 6.420   9.758   0.815   1.00 2.29   ? 8  DG  A "O4'" 1 
ATOM   144 C "C3'" . DG  A 1 8  ? 5.588   11.851  0.265   1.00 2.78   ? 8  DG  A "C3'" 1 
ATOM   145 O "O3'" . DG  A 1 8  ? 5.896   13.187  -0.079  1.00 3.29   ? 8  DG  A "O3'" 1 
ATOM   146 C "C2'" . DG  A 1 8  ? 5.474   10.959  -0.964  1.00 2.71   ? 8  DG  A "C2'" 1 
ATOM   147 C "C1'" . DG  A 1 8  ? 5.572   9.579   -0.310  1.00 2.00   ? 8  DG  A "C1'" 1 
ATOM   148 N N9    . DG  A 1 8  ? 4.246   9.098   0.084   1.00 2.00   ? 8  DG  A N9    1 
ATOM   149 C C8    . DG  A 1 8  ? 3.706   9.030   1.348   1.00 2.00   ? 8  DG  A C8    1 
ATOM   150 N N7    . DG  A 1 8  ? 2.485   8.564   1.367   1.00 2.00   ? 8  DG  A N7    1 
ATOM   151 C C5    . DG  A 1 8  ? 2.180   8.331   0.034   1.00 2.00   ? 8  DG  A C5    1 
ATOM   152 C C6    . DG  A 1 8  ? 0.997   7.827   -0.582  1.00 2.02   ? 8  DG  A C6    1 
ATOM   153 O O6    . DG  A 1 8  ? -0.072  7.479   -0.061  1.00 2.39   ? 8  DG  A O6    1 
ATOM   154 N N1    . DG  A 1 8  ? 1.121   7.747   -1.974  1.00 2.00   ? 8  DG  A N1    1 
ATOM   155 C C2    . DG  A 1 8  ? 2.241   8.101   -2.687  1.00 2.08   ? 8  DG  A C2    1 
ATOM   156 N N2    . DG  A 1 8  ? 2.174   7.955   -4.027  1.00 2.05   ? 8  DG  A N2    1 
ATOM   157 N N3    . DG  A 1 8  ? 3.351   8.567   -2.120  1.00 2.53   ? 8  DG  A N3    1 
ATOM   158 C C4    . DG  A 1 8  ? 3.258   8.654   -0.767  1.00 2.00   ? 8  DG  A C4    1 
ATOM   159 P P     . DG  A 1 9  ? 4.758   14.317  -0.165  1.00 4.16   ? 9  DG  A P     1 
ATOM   160 O OP1   . DG  A 1 9  ? 5.457   15.613  -0.347  1.00 4.87   ? 9  DG  A OP1   1 
ATOM   161 O OP2   . DG  A 1 9  ? 3.774   14.145  0.924   1.00 3.77   ? 9  DG  A OP2   1 
ATOM   162 O "O5'" . DG  A 1 9  ? 3.993   13.928  -1.509  1.00 2.33   ? 9  DG  A "O5'" 1 
ATOM   163 C "C5'" . DG  A 1 9  ? 4.686   14.045  -2.741  1.00 3.09   ? 9  DG  A "C5'" 1 
ATOM   164 C "C4'" . DG  A 1 9  ? 3.834   13.496  -3.853  1.00 2.84   ? 9  DG  A "C4'" 1 
ATOM   165 O "O4'" . DG  A 1 9  ? 3.549   12.103  -3.567  1.00 2.13   ? 9  DG  A "O4'" 1 
ATOM   166 C "C3'" . DG  A 1 9  ? 2.454   14.129  -3.962  1.00 2.67   ? 9  DG  A "C3'" 1 
ATOM   167 O "O3'" . DG  A 1 9  ? 2.498   15.443  -4.552  1.00 3.22   ? 9  DG  A "O3'" 1 
ATOM   168 C "C2'" . DG  A 1 9  ? 1.822   13.059  -4.843  1.00 2.99   ? 9  DG  A "C2'" 1 
ATOM   169 C "C1'" . DG  A 1 9  ? 2.273   11.797  -4.096  1.00 2.82   ? 9  DG  A "C1'" 1 
ATOM   170 N N9    . DG  A 1 9  ? 1.333   11.404  -3.040  1.00 2.56   ? 9  DG  A N9    1 
ATOM   171 C C8    . DG  A 1 9  ? 1.499   11.450  -1.674  1.00 2.38   ? 9  DG  A C8    1 
ATOM   172 N N7    . DG  A 1 9  ? 0.449   11.044  -1.004  1.00 2.00   ? 9  DG  A N7    1 
ATOM   173 C C5    . DG  A 1 9  ? -0.472  10.704  -1.990  1.00 2.77   ? 9  DG  A C5    1 
ATOM   174 C C6    . DG  A 1 9  ? -1.794  10.194  -1.884  1.00 2.21   ? 9  DG  A C6    1 
ATOM   175 O O6    . DG  A 1 9  ? -2.449  9.938   -0.860  1.00 2.11   ? 9  DG  A O6    1 
ATOM   176 N N1    . DG  A 1 9  ? -2.377  9.993   -3.137  1.00 3.24   ? 9  DG  A N1    1 
ATOM   177 C C2    . DG  A 1 9  ? -1.769  10.253  -4.343  1.00 2.42   ? 9  DG  A C2    1 
ATOM   178 N N2    . DG  A 1 9  ? -2.492  9.990   -5.444  1.00 2.59   ? 9  DG  A N2    1 
ATOM   179 N N3    . DG  A 1 9  ? -0.525  10.721  -4.460  1.00 2.51   ? 9  DG  A N3    1 
ATOM   180 C C4    . DG  A 1 9  ? 0.059   10.928  -3.247  1.00 2.35   ? 9  DG  A C4    1 
ATOM   181 P P     . DG  A 1 10 ? 1.262   16.446  -4.350  1.00 2.58   ? 10 DG  A P     1 
ATOM   182 O OP1   . DG  A 1 10 ? 1.659   17.728  -4.974  1.00 3.05   ? 10 DG  A OP1   1 
ATOM   183 O OP2   . DG  A 1 10 ? 0.762   16.401  -2.965  1.00 6.01   ? 10 DG  A OP2   1 
ATOM   184 O "O5'" . DG  A 1 10 ? 0.081   15.759  -5.180  1.00 4.32   ? 10 DG  A "O5'" 1 
ATOM   185 C "C5'" . DG  A 1 10 ? 0.108   15.566  -6.582  1.00 2.88   ? 10 DG  A "C5'" 1 
ATOM   186 C "C4'" . DG  A 1 10 ? -1.286  15.146  -7.003  1.00 3.18   ? 10 DG  A "C4'" 1 
ATOM   187 O "O4'" . DG  A 1 10 ? -1.639  13.885  -6.384  1.00 3.45   ? 10 DG  A "O4'" 1 
ATOM   188 C "C3'" . DG  A 1 10 ? -2.350  16.113  -6.517  1.00 2.65   ? 10 DG  A "C3'" 1 
ATOM   189 O "O3'" . DG  A 1 10 ? -2.456  17.176  -7.419  1.00 2.94   ? 10 DG  A "O3'" 1 
ATOM   190 C "C2'" . DG  A 1 10 ? -3.590  15.232  -6.531  1.00 3.00   ? 10 DG  A "C2'" 1 
ATOM   191 C "C1'" . DG  A 1 10 ? -3.011  13.896  -6.055  1.00 2.88   ? 10 DG  A "C1'" 1 
ATOM   192 N N9    . DG  A 1 10 ? -3.218  13.658  -4.624  1.00 2.77   ? 10 DG  A N9    1 
ATOM   193 C C8    . DG  A 1 10 ? -2.427  14.065  -3.575  1.00 2.24   ? 10 DG  A C8    1 
ATOM   194 N N7    . DG  A 1 10 ? -2.887  13.698  -2.409  1.00 2.07   ? 10 DG  A N7    1 
ATOM   195 C C5    . DG  A 1 10 ? -4.062  13.015  -2.695  1.00 2.37   ? 10 DG  A C5    1 
ATOM   196 C C6    . DG  A 1 10 ? -4.994  12.382  -1.835  1.00 2.82   ? 10 DG  A C6    1 
ATOM   197 O O6    . DG  A 1 10 ? -4.966  12.315  -0.599  1.00 2.38   ? 10 DG  A O6    1 
ATOM   198 N N1    . DG  A 1 10 ? -6.055  11.799  -2.533  1.00 3.11   ? 10 DG  A N1    1 
ATOM   199 C C2    . DG  A 1 10 ? -6.193  11.824  -3.905  1.00 2.65   ? 10 DG  A C2    1 
ATOM   200 N N2    . DG  A 1 10 ? -7.272  11.207  -4.410  1.00 2.38   ? 10 DG  A N2    1 
ATOM   201 N N3    . DG  A 1 10 ? -5.319  12.407  -4.723  1.00 2.36   ? 10 DG  A N3    1 
ATOM   202 C C4    . DG  A 1 10 ? -4.280  12.980  -4.060  1.00 2.68   ? 10 DG  A C4    1 
ATOM   203 O "O5'" . DC  B 1 1  ? -11.463 6.006   1.054   1.00 8.41   ? 11 DC  B "O5'" 1 
ATOM   204 C "C5'" . DC  B 1 1  ? -12.636 5.916   0.251   1.00 7.49   ? 11 DC  B "C5'" 1 
ATOM   205 C "C4'" . DC  B 1 1  ? -12.426 6.534   -1.126  1.00 7.23   ? 11 DC  B "C4'" 1 
ATOM   206 O "O4'" . DC  B 1 1  ? -12.354 7.979   -1.007  1.00 7.42   ? 11 DC  B "O4'" 1 
ATOM   207 C "C3'" . DC  B 1 1  ? -11.146 6.125   -1.843  1.00 6.63   ? 11 DC  B "C3'" 1 
ATOM   208 O "O3'" . DC  B 1 1  ? -11.361 4.941   -2.594  1.00 6.32   ? 11 DC  B "O3'" 1 
ATOM   209 C "C2'" . DC  B 1 1  ? -10.927 7.328   -2.752  1.00 6.68   ? 11 DC  B "C2'" 1 
ATOM   210 C "C1'" . DC  B 1 1  ? -11.335 8.489   -1.850  1.00 8.06   ? 11 DC  B "C1'" 1 
ATOM   211 N N1    . DC  B 1 1  ? -10.206 9.089   -1.040  1.00 8.69   ? 11 DC  B N1    1 
ATOM   212 C C2    . DC  B 1 1  ? -9.198  9.843   -1.675  1.00 8.28   ? 11 DC  B C2    1 
ATOM   213 O O2    . DC  B 1 1  ? -9.231  10.010  -2.904  1.00 8.32   ? 11 DC  B O2    1 
ATOM   214 N N3    . DC  B 1 1  ? -8.197  10.377  -0.921  1.00 7.93   ? 11 DC  B N3    1 
ATOM   215 C C4    . DC  B 1 1  ? -8.174  10.186  0.400   1.00 8.54   ? 11 DC  B C4    1 
ATOM   216 N N4    . DC  B 1 1  ? -7.175  10.730  1.095   1.00 8.84   ? 11 DC  B N4    1 
ATOM   217 C C5    . DC  B 1 1  ? -9.183  9.429   1.070   1.00 9.05   ? 11 DC  B C5    1 
ATOM   218 C C6    . DC  B 1 1  ? -10.165 8.913   0.320   1.00 9.19   ? 11 DC  B C6    1 
ATOM   219 P P     . DC  B 1 2  ? -10.160 4.003   -3.093  1.00 7.18   ? 12 DC  B P     1 
ATOM   220 O OP1   . DC  B 1 2  ? -10.773 2.857   -3.807  1.00 5.79   ? 12 DC  B OP1   1 
ATOM   221 O OP2   . DC  B 1 2  ? -9.234  3.774   -1.956  1.00 6.04   ? 12 DC  B OP2   1 
ATOM   222 O "O5'" . DC  B 1 2  ? -9.393  4.925   -4.153  1.00 5.51   ? 12 DC  B "O5'" 1 
ATOM   223 C "C5'" . DC  B 1 2  ? -9.971  5.244   -5.405  1.00 5.68   ? 12 DC  B "C5'" 1 
ATOM   224 C "C4'" . DC  B 1 2  ? -9.015  6.103   -6.210  1.00 5.31   ? 12 DC  B "C4'" 1 
ATOM   225 O "O4'" . DC  B 1 2  ? -8.772  7.347   -5.523  1.00 4.61   ? 12 DC  B "O4'" 1 
ATOM   226 C "C3'" . DC  B 1 2  ? -7.633  5.489   -6.357  1.00 4.63   ? 12 DC  B "C3'" 1 
ATOM   227 O "O3'" . DC  B 1 2  ? -7.661  4.561   -7.418  1.00 5.67   ? 12 DC  B "O3'" 1 
ATOM   228 C "C2'" . DC  B 1 2  ? -6.791  6.719   -6.669  1.00 4.69   ? 12 DC  B "C2'" 1 
ATOM   229 C "C1'" . DC  B 1 2  ? -7.425  7.743   -5.732  1.00 4.18   ? 12 DC  B "C1'" 1 
ATOM   230 N N1    . DC  B 1 2  ? -6.738  7.920   -4.394  1.00 3.28   ? 12 DC  B N1    1 
ATOM   231 C C2    . DC  B 1 2  ? -5.562  8.698   -4.297  1.00 3.24   ? 12 DC  B C2    1 
ATOM   232 O O2    . DC  B 1 2  ? -5.081  9.229   -5.313  1.00 4.06   ? 12 DC  B O2    1 
ATOM   233 N N3    . DC  B 1 2  ? -4.975  8.860   -3.083  1.00 3.12   ? 12 DC  B N3    1 
ATOM   234 C C4    . DC  B 1 2  ? -5.505  8.286   -1.995  1.00 3.49   ? 12 DC  B C4    1 
ATOM   235 N N4    . DC  B 1 2  ? -4.886  8.468   -0.827  1.00 3.90   ? 12 DC  B N4    1 
ATOM   236 C C5    . DC  B 1 2  ? -6.691  7.489   -2.069  1.00 3.21   ? 12 DC  B C5    1 
ATOM   237 C C6    . DC  B 1 2  ? -7.268  7.337   -3.269  1.00 3.71   ? 12 DC  B C6    1 
ATOM   238 P P     . DC  B 1 3  ? -6.654  3.321   -7.438  1.00 5.47   ? 13 DC  B P     1 
ATOM   239 O OP1   . DC  B 1 3  ? -6.865  2.654   -8.751  1.00 5.76   ? 13 DC  B OP1   1 
ATOM   240 O OP2   . DC  B 1 3  ? -6.770  2.548   -6.184  1.00 5.92   ? 13 DC  B OP2   1 
ATOM   241 O "O5'" . DC  B 1 3  ? -5.225  4.037   -7.440  1.00 5.87   ? 13 DC  B "O5'" 1 
ATOM   242 C "C5'" . DC  B 1 3  ? -4.703  4.526   -8.665  1.00 4.22   ? 13 DC  B "C5'" 1 
ATOM   243 C "C4'" . DC  B 1 3  ? -3.337  5.147   -8.464  1.00 5.02   ? 13 DC  B "C4'" 1 
ATOM   244 O "O4'" . DC  B 1 3  ? -3.431  6.226   -7.505  1.00 5.56   ? 13 DC  B "O4'" 1 
ATOM   245 C "C3'" . DC  B 1 3  ? -2.274  4.255   -7.854  1.00 4.95   ? 13 DC  B "C3'" 1 
ATOM   246 O "O3'" . DC  B 1 3  ? -1.783  3.332   -8.812  1.00 6.95   ? 13 DC  B "O3'" 1 
ATOM   247 C "C2'" . DC  B 1 3  ? -1.246  5.312   -7.463  1.00 5.79   ? 13 DC  B "C2'" 1 
ATOM   248 C "C1'" . DC  B 1 3  ? -2.148  6.425   -6.932  1.00 5.43   ? 13 DC  B "C1'" 1 
ATOM   249 N N1    . DC  B 1 3  ? -2.256  6.443   -5.437  1.00 5.19   ? 13 DC  B N1    1 
ATOM   250 C C2    . DC  B 1 3  ? -1.201  6.985   -4.673  1.00 5.68   ? 13 DC  B C2    1 
ATOM   251 O O2    . DC  B 1 3  ? -0.202  7.441   -5.250  1.00 6.03   ? 13 DC  B O2    1 
ATOM   252 N N3    . DC  B 1 3  ? -1.315  6.999   -3.317  1.00 5.50   ? 13 DC  B N3    1 
ATOM   253 C C4    . DC  B 1 3  ? -2.412  6.493   -2.737  1.00 5.20   ? 13 DC  B C4    1 
ATOM   254 N N4    . DC  B 1 3  ? -2.486  6.527   -1.406  1.00 5.64   ? 13 DC  B N4    1 
ATOM   255 C C5    . DC  B 1 3  ? -3.490  5.936   -3.490  1.00 5.38   ? 13 DC  B C5    1 
ATOM   256 C C6    . DC  B 1 3  ? -3.373  5.933   -4.824  1.00 5.05   ? 13 DC  B C6    1 
ATOM   257 P P     . DG  B 1 4  ? -1.017  2.002   -8.348  1.00 7.16   ? 14 DG  B P     1 
ATOM   258 O OP1   . DG  B 1 4  ? -0.840  1.157   -9.554  1.00 8.97   ? 14 DG  B OP1   1 
ATOM   259 O OP2   . DG  B 1 4  ? -1.653  1.452   -7.131  1.00 7.35   ? 14 DG  B OP2   1 
ATOM   260 O "O5'" . DG  B 1 4  ? 0.414   2.566   -7.924  1.00 8.19   ? 14 DG  B "O5'" 1 
ATOM   261 C "C5'" . DG  B 1 4  ? 1.302   3.136   -8.876  1.00 7.67   ? 14 DG  B "C5'" 1 
ATOM   262 C "C4'" . DG  B 1 4  ? 2.514   3.684   -8.149  1.00 7.99   ? 14 DG  B "C4'" 1 
ATOM   263 O "O4'" . DG  B 1 4  ? 2.099   4.657   -7.163  1.00 7.26   ? 14 DG  B "O4'" 1 
ATOM   264 C "C3'" . DG  B 1 4  ? 3.250   2.651   -7.313  1.00 8.29   ? 14 DG  B "C3'" 1 
ATOM   265 O "O3'" . DG  B 1 4  ? 4.072   1.854   -8.143  1.00 9.23   ? 14 DG  B "O3'" 1 
ATOM   266 C "C2'" . DG  B 1 4  ? 4.044   3.546   -6.373  1.00 7.61   ? 14 DG  B "C2'" 1 
ATOM   267 C "C1'" . DG  B 1 4  ? 3.025   4.643   -6.084  1.00 6.54   ? 14 DG  B "C1'" 1 
ATOM   268 N N9    . DG  B 1 4  ? 2.319   4.455   -4.813  1.00 5.98   ? 14 DG  B N9    1 
ATOM   269 C C8    . DG  B 1 4  ? 1.042   3.977   -4.628  1.00 5.69   ? 14 DG  B C8    1 
ATOM   270 N N7    . DG  B 1 4  ? 0.684   3.924   -3.373  1.00 5.45   ? 14 DG  B N7    1 
ATOM   271 C C5    . DG  B 1 4  ? 1.792   4.389   -2.681  1.00 5.56   ? 14 DG  B C5    1 
ATOM   272 C C6    . DG  B 1 4  ? 1.992   4.557   -1.288  1.00 5.41   ? 14 DG  B C6    1 
ATOM   273 O O6    . DG  B 1 4  ? 1.191   4.315   -0.373  1.00 4.98   ? 14 DG  B O6    1 
ATOM   274 N N1    . DG  B 1 4  ? 3.266   5.056   -0.992  1.00 5.96   ? 14 DG  B N1    1 
ATOM   275 C C2    . DG  B 1 4  ? 4.228   5.365   -1.934  1.00 5.88   ? 14 DG  B C2    1 
ATOM   276 N N2    . DG  B 1 4  ? 5.398   5.838   -1.467  1.00 5.98   ? 14 DG  B N2    1 
ATOM   277 N N3    . DG  B 1 4  ? 4.049   5.212   -3.243  1.00 5.42   ? 14 DG  B N3    1 
ATOM   278 C C4    . DG  B 1 4  ? 2.813   4.720   -3.550  1.00 5.83   ? 14 DG  B C4    1 
ATOM   279 P P     . DG  B 1 5  ? 4.744   0.518   -7.583  1.00 9.42   ? 15 DG  B P     1 
ATOM   280 O OP1   . DG  B 1 5  ? 5.269   -0.233  -8.745  1.00 10.66  ? 15 DG  B OP1   1 
ATOM   281 O OP2   . DG  B 1 5  ? 3.773   -0.145  -6.683  1.00 9.01   ? 15 DG  B OP2   1 
ATOM   282 O "O5'" . DG  B 1 5  ? 5.929   1.052   -6.648  1.00 9.83   ? 15 DG  B "O5'" 1 
ATOM   283 C "C5'" . DG  B 1 5  ? 7.170   1.534   -7.151  1.00 8.49   ? 15 DG  B "C5'" 1 
ATOM   284 C "C4'" . DG  B 1 5  ? 8.168   1.634   -6.014  1.00 8.80   ? 15 DG  B "C4'" 1 
ATOM   285 O "O4'" . DG  B 1 5  ? 7.703   2.616   -5.049  1.00 7.75   ? 15 DG  B "O4'" 1 
ATOM   286 C "C3'" . DG  B 1 5  ? 8.363   0.356   -5.211  1.00 8.79   ? 15 DG  B "C3'" 1 
ATOM   287 O "O3'" . DG  B 1 5  ? 9.303   -0.536  -5.837  1.00 8.96   ? 15 DG  B "O3'" 1 
ATOM   288 C "C2'" . DG  B 1 5  ? 8.824   0.912   -3.865  1.00 7.95   ? 15 DG  B "C2'" 1 
ATOM   289 C "C1'" . DG  B 1 5  ? 7.972   2.170   -3.733  1.00 6.97   ? 15 DG  B "C1'" 1 
ATOM   290 N N9    . DG  B 1 5  ? 6.714   2.015   -2.987  1.00 6.62   ? 15 DG  B N9    1 
ATOM   291 C C8    . DG  B 1 5  ? 5.484   1.675   -3.495  1.00 6.42   ? 15 DG  B C8    1 
ATOM   292 N N7    . DG  B 1 5  ? 4.544   1.618   -2.591  1.00 7.21   ? 15 DG  B N7    1 
ATOM   293 C C5    . DG  B 1 5  ? 5.184   1.946   -1.401  1.00 6.53   ? 15 DG  B C5    1 
ATOM   294 C C6    . DG  B 1 5  ? 4.684   2.046   -0.074  1.00 6.56   ? 15 DG  B C6    1 
ATOM   295 O O6    . DG  B 1 5  ? 3.528   1.858   0.324   1.00 6.31   ? 15 DG  B O6    1 
ATOM   296 N N1    . DG  B 1 5  ? 5.673   2.407   0.843   1.00 5.92   ? 15 DG  B N1    1 
ATOM   297 C C2    . DG  B 1 5  ? 6.987   2.639   0.519   1.00 6.45   ? 15 DG  B C2    1 
ATOM   298 N N2    . DG  B 1 5  ? 7.800   2.977   1.531   1.00 6.54   ? 15 DG  B N2    1 
ATOM   299 N N3    . DG  B 1 5  ? 7.467   2.539   -0.717  1.00 5.89   ? 15 DG  B N3    1 
ATOM   300 C C4    . DG  B 1 5  ? 6.522   2.196   -1.630  1.00 6.77   ? 15 DG  B C4    1 
ATOM   301 P P     . DC  B 1 6  ? 9.320   -2.102  -5.489  1.00 10.16  ? 16 DC  B P     1 
ATOM   302 O OP1   . DC  B 1 6  ? 10.477  -2.684  -6.208  1.00 9.80   ? 16 DC  B OP1   1 
ATOM   303 O OP2   . DC  B 1 6  ? 7.973   -2.678  -5.688  1.00 9.80   ? 16 DC  B OP2   1 
ATOM   304 O "O5'" . DC  B 1 6  ? 9.598   -2.162  -3.917  1.00 9.09   ? 16 DC  B "O5'" 1 
ATOM   305 C "C5'" . DC  B 1 6  ? 10.897  -1.957  -3.361  1.00 8.72   ? 16 DC  B "C5'" 1 
ATOM   306 C "C4'" . DC  B 1 6  ? 10.792  -1.932  -1.849  1.00 8.10   ? 16 DC  B "C4'" 1 
ATOM   307 O "O4'" . DC  B 1 6  ? 9.847   -0.915  -1.445  1.00 7.70   ? 16 DC  B "O4'" 1 
ATOM   308 C "C3'" . DC  B 1 6  ? 10.184  -3.183  -1.236  1.00 8.77   ? 16 DC  B "C3'" 1 
ATOM   309 O "O3'" . DC  B 1 6  ? 11.117  -4.256  -1.194  1.00 10.04  ? 16 DC  B "O3'" 1 
ATOM   310 C "C2'" . DC  B 1 6  ? 9.806   -2.664  0.146   1.00 7.15   ? 16 DC  B "C2'" 1 
ATOM   311 C "C1'" . DC  B 1 6  ? 9.231   -1.303  -0.228  1.00 6.20   ? 16 DC  B "C1'" 1 
ATOM   312 N N1    . DC  B 1 6  ? 7.732   -1.297  -0.371  1.00 5.14   ? 16 DC  B N1    1 
ATOM   313 C C2    . DC  B 1 6  ? 6.923   -1.088  0.765   1.00 4.66   ? 16 DC  B C2    1 
ATOM   314 O O2    . DC  B 1 6  ? 7.458   -0.928  1.866   1.00 3.49   ? 16 DC  B O2    1 
ATOM   315 N N3    . DC  B 1 6  ? 5.570   -1.074  0.623   1.00 4.46   ? 16 DC  B N3    1 
ATOM   316 C C4    . DC  B 1 6  ? 5.020   -1.257  -0.584  1.00 5.20   ? 16 DC  B C4    1 
ATOM   317 N N4    . DC  B 1 6  ? 3.689   -1.241  -0.697  1.00 3.93   ? 16 DC  B N4    1 
ATOM   318 C C5    . DC  B 1 6  ? 5.817   -1.473  -1.745  1.00 4.69   ? 16 DC  B C5    1 
ATOM   319 C C6    . DC  B 1 6  ? 7.147   -1.481  -1.594  1.00 4.96   ? 16 DC  B C6    1 
ATOM   320 P P     . DC  B 1 7  ? 10.596  -5.772  -1.173  1.00 11.66  ? 17 DC  B P     1 
ATOM   321 O OP1   . DC  B 1 7  ? 11.757  -6.652  -1.433  1.00 12.60  ? 17 DC  B OP1   1 
ATOM   322 O OP2   . DC  B 1 7  ? 9.393   -5.890  -2.030  1.00 10.68  ? 17 DC  B OP2   1 
ATOM   323 O "O5'" . DC  B 1 7  ? 10.150  -5.958  0.354   1.00 10.14  ? 17 DC  B "O5'" 1 
ATOM   324 C "C5'" . DC  B 1 7  ? 11.102  -5.838  1.415   1.00 9.78   ? 17 DC  B "C5'" 1 
ATOM   325 C "C4'" . DC  B 1 7  ? 10.414  -5.806  2.768   1.00 9.62   ? 17 DC  B "C4'" 1 
ATOM   326 O "O4'" . DC  B 1 7  ? 9.538   -4.656  2.883   1.00 7.61   ? 17 DC  B "O4'" 1 
ATOM   327 C "C3'" . DC  B 1 7  ? 9.493   -6.986  3.032   1.00 9.85   ? 17 DC  B "C3'" 1 
ATOM   328 O "O3'" . DC  B 1 7  ? 10.248  -8.108  3.448   1.00 11.85  ? 17 DC  B "O3'" 1 
ATOM   329 C "C2'" . DC  B 1 7  ? 8.624   -6.438  4.156   1.00 8.28   ? 17 DC  B "C2'" 1 
ATOM   330 C "C1'" . DC  B 1 7  ? 8.418   -4.999  3.691   1.00 6.88   ? 17 DC  B "C1'" 1 
ATOM   331 N N1    . DC  B 1 7  ? 7.126   -4.783  2.934   1.00 5.94   ? 17 DC  B N1    1 
ATOM   332 C C2    . DC  B 1 7  ? 5.907   -4.660  3.631   1.00 5.56   ? 17 DC  B C2    1 
ATOM   333 O O2    . DC  B 1 7  ? 5.896   -4.734  4.864   1.00 4.83   ? 17 DC  B O2    1 
ATOM   334 N N3    . DC  B 1 7  ? 4.753   -4.465  2.929   1.00 4.97   ? 17 DC  B N3    1 
ATOM   335 C C4    . DC  B 1 7  ? 4.785   -4.391  1.592   1.00 5.86   ? 17 DC  B C4    1 
ATOM   336 N N4    . DC  B 1 7  ? 3.632   -4.194  0.940   1.00 5.06   ? 17 DC  B N4    1 
ATOM   337 C C5    . DC  B 1 7  ? 6.010   -4.510  0.862   1.00 5.79   ? 17 DC  B C5    1 
ATOM   338 C C6    . DC  B 1 7  ? 7.137   -4.707  1.565   1.00 6.23   ? 17 DC  B C6    1 
ATOM   339 P P     . DG  B 1 8  ? 9.805   -9.564  2.961   1.00 13.73  ? 18 DG  B P     1 
ATOM   340 O OP1   . DG  B 1 8  ? 10.659  -10.540 3.686   1.00 13.93  ? 18 DG  B OP1   1 
ATOM   341 O OP2   . DG  B 1 8  ? 9.772   -9.575  1.481   1.00 13.88  ? 18 DG  B OP2   1 
ATOM   342 O "O5'" . DG  B 1 8  ? 8.294   -9.707  3.466   1.00 11.76  ? 18 DG  B "O5'" 1 
ATOM   343 C "C5'" . DG  B 1 8  ? 8.033   -10.103 4.797   1.00 10.76  ? 18 DG  B "C5'" 1 
ATOM   344 C "C4'" . DG  B 1 8  ? 6.568   -9.928  5.149   1.00 9.32   ? 18 DG  B "C4'" 1 
ATOM   345 O "O4'" . DG  B 1 8  ? 6.084   -8.644  4.693   1.00 7.08   ? 18 DG  B "O4'" 1 
ATOM   346 C "C3'" . DG  B 1 8  ? 5.567   -10.884 4.515   1.00 9.07   ? 18 DG  B "C3'" 1 
ATOM   347 O "O3'" . DG  B 1 8  ? 5.648   -12.176 5.084   1.00 10.96  ? 18 DG  B "O3'" 1 
ATOM   348 C "C2'" . DG  B 1 8  ? 4.284   -10.175 4.926   1.00 7.61   ? 18 DG  B "C2'" 1 
ATOM   349 C "C1'" . DG  B 1 8  ? 4.670   -8.717  4.676   1.00 5.38   ? 18 DG  B "C1'" 1 
ATOM   350 N N9    . DG  B 1 8  ? 4.131   -8.202  3.416   1.00 4.83   ? 18 DG  B N9    1 
ATOM   351 C C8    . DG  B 1 8  ? 4.805   -7.886  2.260   1.00 4.85   ? 18 DG  B C8    1 
ATOM   352 N N7    . DG  B 1 8  ? 4.016   -7.458  1.305   1.00 4.68   ? 18 DG  B N7    1 
ATOM   353 C C5    . DG  B 1 8  ? 2.743   -7.496  1.861   1.00 4.25   ? 18 DG  B C5    1 
ATOM   354 C C6    . DG  B 1 8  ? 1.478   -7.147  1.309   1.00 4.87   ? 18 DG  B C6    1 
ATOM   355 O O6    . DG  B 1 8  ? 1.222   -6.717  0.171   1.00 3.67   ? 18 DG  B O6    1 
ATOM   356 N N1    . DG  B 1 8  ? 0.438   -7.342  2.226   1.00 4.43   ? 18 DG  B N1    1 
ATOM   357 C C2    . DG  B 1 8  ? 0.604   -7.808  3.515   1.00 5.22   ? 18 DG  B C2    1 
ATOM   358 N N2    . DG  B 1 8  ? -0.499  -7.936  4.262   1.00 4.38   ? 18 DG  B N2    1 
ATOM   359 N N3    . DG  B 1 8  ? 1.780   -8.133  4.037   1.00 4.13   ? 18 DG  B N3    1 
ATOM   360 C C4    . DG  B 1 8  ? 2.801   -7.953  3.161   1.00 4.86   ? 18 DG  B C4    1 
ATOM   361 P P     . DG  B 1 9  ? 5.028   -13.457 4.343   1.00 12.21  ? 19 DG  B P     1 
ATOM   362 O OP1   . DG  B 1 9  ? 5.369   -14.609 5.209   1.00 12.75  ? 19 DG  B OP1   1 
ATOM   363 O OP2   . DG  B 1 9  ? 5.406   -13.427 2.918   1.00 11.87  ? 19 DG  B OP2   1 
ATOM   364 O "O5'" . DG  B 1 9  ? 3.445   -13.225 4.338   1.00 11.05  ? 19 DG  B "O5'" 1 
ATOM   365 C "C5'" . DG  B 1 9  ? 2.594   -13.729 5.342   1.00 8.61   ? 19 DG  B "C5'" 1 
ATOM   366 C "C4'" . DG  B 1 9  ? 1.229   -13.078 5.225   1.00 6.45   ? 19 DG  B "C4'" 1 
ATOM   367 O "O4'" . DG  B 1 9  ? 1.309   -11.729 4.689   1.00 5.06   ? 19 DG  B "O4'" 1 
ATOM   368 C "C3'" . DG  B 1 9  ? 0.246   -13.751 4.283   1.00 5.01   ? 19 DG  B "C3'" 1 
ATOM   369 O "O3'" . DG  B 1 9  ? -0.204  -14.990 4.831   1.00 4.79   ? 19 DG  B "O3'" 1 
ATOM   370 C "C2'" . DG  B 1 9  ? -0.819  -12.659 4.274   1.00 5.26   ? 19 DG  B "C2'" 1 
ATOM   371 C "C1'" . DG  B 1 9  ? 0.040   -11.397 4.142   1.00 5.06   ? 19 DG  B "C1'" 1 
ATOM   372 N N9    . DG  B 1 9  ? 0.155   -10.928 2.751   1.00 4.81   ? 19 DG  B N9    1 
ATOM   373 C C8    . DG  B 1 9  ? 1.296   -10.810 1.987   1.00 4.83   ? 19 DG  B C8    1 
ATOM   374 N N7    . DG  B 1 9  ? 1.077   -10.373 0.774   1.00 5.41   ? 19 DG  B N7    1 
ATOM   375 C C5    . DG  B 1 9  ? -0.301  -10.187 0.725   1.00 4.65   ? 19 DG  B C5    1 
ATOM   376 C C6    . DG  B 1 9  ? -1.146  -9.727  -0.324  1.00 5.29   ? 19 DG  B C6    1 
ATOM   377 O O6    . DG  B 1 9  ? -0.832  -9.374  -1.465  1.00 5.40   ? 19 DG  B O6    1 
ATOM   378 N N1    . DG  B 1 9  ? -2.490  -9.685  0.047   1.00 4.40   ? 19 DG  B N1    1 
ATOM   379 C C2    . DG  B 1 9  ? -2.968  -10.052 1.282   1.00 5.00   ? 19 DG  B C2    1 
ATOM   380 N N2    . DG  B 1 9  ? -4.288  -9.952  1.484   1.00 4.39   ? 19 DG  B N2    1 
ATOM   381 N N3    . DG  B 1 9  ? -2.193  -10.477 2.271   1.00 4.63   ? 19 DG  B N3    1 
ATOM   382 C C4    . DG  B 1 9  ? -0.878  -10.521 1.933   1.00 4.27   ? 19 DG  B C4    1 
ATOM   383 P P     . DG  B 1 10 ? -0.836  -16.149 3.918   1.00 4.33   ? 20 DG  B P     1 
ATOM   384 O OP1   . DG  B 1 10 ? -1.005  -17.356 4.769   1.00 4.81   ? 20 DG  B OP1   1 
ATOM   385 O OP2   . DG  B 1 10 ? -0.067  -16.293 2.664   1.00 3.55   ? 20 DG  B OP2   1 
ATOM   386 O "O5'" . DG  B 1 10 ? -2.255  -15.514 3.529   1.00 2.98   ? 20 DG  B "O5'" 1 
ATOM   387 C "C5'" . DG  B 1 10 ? -3.288  -15.367 4.495   1.00 2.00   ? 20 DG  B "C5'" 1 
ATOM   388 C "C4'" . DG  B 1 10 ? -4.585  -14.906 3.845   1.00 2.00   ? 20 DG  B "C4'" 1 
ATOM   389 O "O4'" . DG  B 1 10 ? -4.417  -13.609 3.222   1.00 2.00   ? 20 DG  B "O4'" 1 
ATOM   390 C "C3'" . DG  B 1 10 ? -5.109  -15.808 2.738   1.00 2.00   ? 20 DG  B "C3'" 1 
ATOM   391 O "O3'" . DG  B 1 10 ? -5.881  -16.847 3.311   1.00 2.00   ? 20 DG  B "O3'" 1 
ATOM   392 C "C2'" . DG  B 1 10 ? -5.964  -14.843 1.919   1.00 2.00   ? 20 DG  B "C2'" 1 
ATOM   393 C "C1'" . DG  B 1 10 ? -5.202  -13.524 2.047   1.00 2.00   ? 20 DG  B "C1'" 1 
ATOM   394 N N9    . DG  B 1 10 ? -4.321  -13.241 0.916   1.00 2.00   ? 20 DG  B N9    1 
ATOM   395 C C8    . DG  B 1 10 ? -2.979  -13.516 0.829   1.00 2.00   ? 20 DG  B C8    1 
ATOM   396 N N7    . DG  B 1 10 ? -2.441  -13.148 -0.297  1.00 2.35   ? 20 DG  B N7    1 
ATOM   397 C C5    . DG  B 1 10 ? -3.490  -12.599 -1.022  1.00 2.00   ? 20 DG  B C5    1 
ATOM   398 C C6    . DG  B 1 10 ? -3.522  -12.030 -2.326  1.00 2.00   ? 20 DG  B C6    1 
ATOM   399 O O6    . DG  B 1 10 ? -2.590  -11.904 -3.131  1.00 2.00   ? 20 DG  B O6    1 
ATOM   400 N N1    . DG  B 1 10 ? -4.796  -11.583 -2.672  1.00 2.21   ? 20 DG  B N1    1 
ATOM   401 C C2    . DG  B 1 10 ? -5.902  -11.682 -1.855  1.00 2.00   ? 20 DG  B C2    1 
ATOM   402 N N2    . DG  B 1 10 ? -7.051  -11.204 -2.339  1.00 2.00   ? 20 DG  B N2    1 
ATOM   403 N N3    . DG  B 1 10 ? -5.884  -12.209 -0.636  1.00 2.11   ? 20 DG  B N3    1 
ATOM   404 C C4    . DG  B 1 10 ? -4.654  -12.643 -0.280  1.00 2.15   ? 20 DG  B C4    1 
HETATM 405 O O     . HOH C 2 .  ? -0.296  18.791  -6.542  1.00 2.00   ? 21 HOH A O     1 
HETATM 406 O O     . HOH C 2 .  ? -1.851  8.783   1.455   1.00 8.92   ? 22 HOH A O     1 
HETATM 407 O O     . HOH C 2 .  ? -0.121  13.593  -9.974  1.00 12.75  ? 23 HOH A O     1 
HETATM 408 O O     . HOH C 2 .  ? -11.271 -8.777  -4.961  1.00 227.45 ? 25 HOH A O     1 
HETATM 409 O O     . HOH C 2 .  ? -10.882 -4.527  -8.765  1.00 29.17  ? 26 HOH A O     1 
HETATM 410 O O     . HOH C 2 .  ? 3.765   17.117  -2.203  1.00 19.45  ? 29 HOH A O     1 
HETATM 411 O O     . HOH C 2 .  ? -0.349  2.312   3.950   1.00 7.81   ? 31 HOH A O     1 
HETATM 412 O O     . HOH C 2 .  ? -4.727  -0.143  6.585   1.00 21.71  ? 36 HOH A O     1 
HETATM 413 O O     . HOH C 2 .  ? -0.090  5.363   11.893  1.00 18.01  ? 37 HOH A O     1 
HETATM 414 O O     . HOH C 2 .  ? -4.655  -4.710  -5.798  1.00 19.25  ? 40 HOH A O     1 
HETATM 415 O O     . HOH C 2 .  ? -0.092  -3.002  0.413   1.00 5.97   ? 44 HOH A O     1 
HETATM 416 O O     . HOH C 2 .  ? 10.492  11.973  6.949   1.00 24.65  ? 46 HOH A O     1 
HETATM 417 O O     . HOH C 2 .  ? 3.231   1.325   12.827  1.00 18.80  ? 49 HOH A O     1 
HETATM 418 O O     . HOH C 2 .  ? -9.567  -2.164  -9.307  1.00 18.97  ? 51 HOH A O     1 
HETATM 419 O O     . HOH C 2 .  ? -8.239  -8.084  9.973   1.00 26.69  ? 52 HOH A O     1 
HETATM 420 O O     . HOH C 2 .  ? -6.000  -3.626  -2.975  1.00 22.57  ? 54 HOH A O     1 
HETATM 421 O O     . HOH C 2 .  ? -4.213  2.849   5.391   1.00 20.11  ? 58 HOH A O     1 
HETATM 422 O O     . HOH C 2 .  ? -1.775  2.430   11.060  1.00 26.53  ? 59 HOH A O     1 
HETATM 423 O O     . HOH C 2 .  ? 5.621   -1.927  7.620   1.00 14.69  ? 60 HOH A O     1 
HETATM 424 O O     . HOH C 2 .  ? -2.457  -4.131  -3.191  1.00 33.23  ? 61 HOH A O     1 
HETATM 425 O O     . HOH C 2 .  ? -1.844  -6.376  -5.434  1.00 26.99  ? 63 HOH A O     1 
HETATM 426 O O     . HOH C 2 .  ? -10.104 -4.121  4.956   1.00 29.00  ? 65 HOH A O     1 
HETATM 427 O O     . HOH C 2 .  ? -1.574  1.469   5.855   1.00 18.00  ? 66 HOH A O     1 
HETATM 428 O O     . HOH C 2 .  ? -1.582  -0.427  2.567   1.00 27.00  ? 68 HOH A O     1 
HETATM 429 O O     . HOH C 2 .  ? -13.013 -5.169  -10.146 1.00 32.00  ? 69 HOH A O     1 
HETATM 430 O O     . HOH C 2 .  ? 1.682   10.402  2.990   1.00 35.00  ? 70 HOH A O     1 
HETATM 431 O O     . HOH C 2 .  ? -15.271 -2.623  -10.926 1.00 35.00  ? 71 HOH A O     1 
HETATM 432 O O     . HOH D 2 .  ? 1.513   -18.487 3.221   1.00 10.09  ? 24 HOH B O     1 
HETATM 433 O O     . HOH D 2 .  ? 10.144  -1.161  3.227   1.00 8.87   ? 27 HOH B O     1 
HETATM 434 O O     . HOH D 2 .  ? 5.187   -2.026  -5.588  1.00 16.64  ? 28 HOH B O     1 
HETATM 435 O O     . HOH D 2 .  ? 3.849   -4.766  -1.910  1.00 26.59  ? 30 HOH B O     1 
HETATM 436 O O     . HOH D 2 .  ? 4.798   -7.347  -1.162  1.00 7.97   ? 32 HOH B O     1 
HETATM 437 O O     . HOH D 2 .  ? -5.311  6.201   0.570   1.00 21.92  ? 33 HOH B O     1 
HETATM 438 O O     . HOH D 2 .  ? 10.283  -5.062  -4.451  1.00 20.72  ? 34 HOH B O     1 
HETATM 439 O O     . HOH D 2 .  ? -0.049  2.372   1.062   1.00 16.71  ? 35 HOH B O     1 
HETATM 440 O O     . HOH D 2 .  ? -7.667  -10.948 1.257   1.00 12.34  ? 38 HOH B O     1 
HETATM 441 O O     . HOH D 2 .  ? 5.611   -10.827 -0.130  1.00 14.12  ? 39 HOH B O     1 
HETATM 442 O O     . HOH D 2 .  ? 13.593  -4.395  3.970   1.00 16.61  ? 41 HOH B O     1 
HETATM 443 O O     . HOH D 2 .  ? 13.098  -8.287  -3.361  1.00 20.20  ? 42 HOH B O     1 
HETATM 444 O O     . HOH D 2 .  ? 1.288   7.541   -7.546  1.00 13.22  ? 43 HOH B O     1 
HETATM 445 O O     . HOH D 2 .  ? 7.394   -8.807  0.715   1.00 20.12  ? 45 HOH B O     1 
HETATM 446 O O     . HOH D 2 .  ? -1.773  -7.623  5.762   1.00 26.76  ? 47 HOH B O     1 
HETATM 447 O O     . HOH D 2 .  ? 5.891   -0.640  -11.511 1.00 17.46  ? 48 HOH B O     1 
HETATM 448 O O     . HOH D 2 .  ? 0.143   -13.556 1.000   1.00 58.82  ? 50 HOH B O     1 
HETATM 449 O O     . HOH D 2 .  ? -8.457  -10.190 -0.711  1.00 28.75  ? 53 HOH B O     1 
HETATM 450 O O     . HOH D 2 .  ? -14.531 6.165   3.389   1.00 17.11  ? 55 HOH B O     1 
HETATM 451 O O     . HOH D 2 .  ? -6.565  9.367   3.613   1.00 18.79  ? 56 HOH B O     1 
HETATM 452 O O     . HOH D 2 .  ? 6.348   -0.993  -4.410  1.00 44.21  ? 57 HOH B O     1 
HETATM 453 O O     . HOH D 2 .  ? -10.020 1.837   2.304   1.00 33.14  ? 62 HOH B O     1 
HETATM 454 O O     . HOH D 2 .  ? -1.085  -1.905  -8.789  1.00 31.00  ? 64 HOH B O     1 
HETATM 455 O O     . HOH D 2 .  ? 0.036   -18.965 5.884   1.00 32.00  ? 67 HOH B O     1 
# 
